data_4FBU
#
_entry.id   4FBU
#
_cell.length_a   52.774
_cell.length_b   181.458
_cell.length_c   52.744
_cell.angle_alpha   90.00
_cell.angle_beta   109.49
_cell.angle_gamma   90.00
#
_symmetry.space_group_name_H-M   'P 1 21 1'
#
loop_
_entity.id
_entity.type
_entity.pdbx_description
1 polymer 'DNA polymerase IV'
2 polymer 'DNA primer'
3 polymer 'DNA template'
4 non-polymer 'CALCIUM ION'
5 water water
#
loop_
_entity_poly.entity_id
_entity_poly.type
_entity_poly.pdbx_seq_one_letter_code
_entity_poly.pdbx_strand_id
1 'polypeptide(L)'
;MIVLFVDFDYFYAQVEEVLNPSLKGKPVVVCVFSGRFEDSGAVATANYEARKFGVKAGIPIVEAKKILPNAVYLPMRKEV
YQQVSSRIMNLLREYSEKIEIASIDEAYLDISDKVRDYREAYNLGLEIKNKILEKEKITVTVGISKNKVFAKIAADMAKP
NGIKVIDDEEVKRLIRELDIADVPGIGNITAEKLKKLGINKLVDTLSIEFDKLKGMIGEAKAKYLISLARDEYNEPIRTR
VRKSIGRIVTMKRNSRNLEEIKPYLFRAIEESYYKLDKRIPKAIHVVAVTEDLDIVSRGRTFPHGISKETAYSESVKLLQ
KILEEDERKIRRIGVRFSKFI
;
A,B
2 'polydeoxyribonucleotide' (DC)(DC)(DC)(DA)(DA)(DT)(DA)(DC)(DC)(DA)(DG)(DT)(DC) P,D
3 'polydeoxyribonucleotide' (DG8)(DG)(DA)(DC)(DT)(DG)(DG)(DT)(DA)(DT)(DT)(DG)(DG)(DG) T,C
#
loop_
_chem_comp.id
_chem_comp.type
_chem_comp.name
_chem_comp.formula
CA non-polymer 'CALCIUM ION' 'Ca 2'
DA DNA linking 2'-DEOXYADENOSINE-5'-MONOPHOSPHATE 'C10 H14 N5 O6 P'
DC DNA linking 2'-DEOXYCYTIDINE-5'-MONOPHOSPHATE 'C9 H14 N3 O7 P'
DG DNA linking 2'-DEOXYGUANOSINE-5'-MONOPHOSPHATE 'C10 H14 N5 O7 P'
DG8 DNA linking '2'-deoxy-8-(pyren-1-ylamino)guanosine 5'-(dihydrogen phosphate)' 'C26 H23 N6 O7 P'
DT DNA linking THYMIDINE-5'-MONOPHOSPHATE 'C10 H15 N2 O8 P'
#
# COMPACT_ATOMS: atom_id res chain seq x y z
N MET A 1 -24.81 -26.18 -0.32
CA MET A 1 -23.76 -25.20 -0.44
C MET A 1 -23.97 -24.08 0.58
N ILE A 2 -22.87 -23.56 1.12
CA ILE A 2 -22.93 -22.44 2.05
C ILE A 2 -22.14 -21.27 1.49
N VAL A 3 -22.83 -20.19 1.15
CA VAL A 3 -22.22 -19.05 0.50
C VAL A 3 -22.19 -17.86 1.44
N LEU A 4 -21.01 -17.26 1.61
CA LEU A 4 -20.88 -16.06 2.41
C LEU A 4 -20.55 -14.88 1.50
N PHE A 5 -21.44 -13.89 1.49
CA PHE A 5 -21.32 -12.71 0.64
C PHE A 5 -20.82 -11.53 1.45
N VAL A 6 -19.85 -10.79 0.91
CA VAL A 6 -19.35 -9.64 1.63
C VAL A 6 -19.54 -8.39 0.79
N ASP A 7 -20.19 -7.39 1.38
CA ASP A 7 -20.49 -6.15 0.68
C ASP A 7 -20.09 -4.92 1.50
N PHE A 8 -19.11 -4.16 1.02
CA PHE A 8 -18.63 -2.97 1.72
C PHE A 8 -19.71 -1.87 1.68
N ASP A 9 -19.95 -1.22 2.82
CA ASP A 9 -21.06 -0.27 2.98
C ASP A 9 -20.72 1.16 2.53
N TYR A 10 -21.60 1.73 1.69
CA TYR A 10 -21.40 3.05 1.09
C TYR A 10 -19.92 3.32 0.79
N PHE A 11 -19.30 2.33 0.16
CA PHE A 11 -17.86 2.20 0.02
C PHE A 11 -17.05 3.47 -0.31
N TYR A 12 -17.39 4.17 -1.39
CA TYR A 12 -16.56 5.31 -1.78
C TYR A 12 -16.63 6.39 -0.71
N ALA A 13 -17.84 6.65 -0.23
CA ALA A 13 -18.05 7.61 0.85
C ALA A 13 -17.34 7.19 2.13
N GLN A 14 -17.40 5.91 2.46
CA GLN A 14 -16.81 5.44 3.71
C GLN A 14 -15.28 5.56 3.71
N VAL A 15 -14.64 5.23 2.58
CA VAL A 15 -13.20 5.43 2.43
C VAL A 15 -12.85 6.91 2.58
N GLU A 16 -13.59 7.78 1.91
CA GLU A 16 -13.37 9.20 2.08
C GLU A 16 -13.45 9.55 3.57
N GLU A 17 -14.43 8.98 4.27
CA GLU A 17 -14.62 9.30 5.68
C GLU A 17 -13.48 8.77 6.54
N VAL A 18 -12.94 7.61 6.17
CA VAL A 18 -11.82 7.03 6.90
C VAL A 18 -10.52 7.80 6.71
N LEU A 19 -10.33 8.38 5.53
CA LEU A 19 -9.12 9.15 5.27
C LEU A 19 -9.23 10.53 5.89
N ASN A 20 -10.46 11.04 5.97
CA ASN A 20 -10.70 12.41 6.40
C ASN A 20 -11.65 12.43 7.57
N PRO A 21 -11.12 12.19 8.78
CA PRO A 21 -12.02 11.99 9.91
C PRO A 21 -12.90 13.21 10.22
N SER A 22 -12.67 14.34 9.56
CA SER A 22 -13.50 15.54 9.79
C SER A 22 -14.78 15.58 8.95
N LEU A 23 -15.22 14.41 8.48
CA LEU A 23 -16.41 14.30 7.64
C LEU A 23 -17.45 13.40 8.29
N LYS A 24 -17.02 12.65 9.32
CA LYS A 24 -17.89 11.68 9.95
C LYS A 24 -19.09 12.33 10.65
N GLY A 25 -20.27 11.79 10.41
CA GLY A 25 -21.50 12.36 10.93
C GLY A 25 -22.09 13.40 10.00
N LYS A 26 -21.35 13.73 8.94
CA LYS A 26 -21.85 14.66 7.94
C LYS A 26 -22.36 13.91 6.72
N PRO A 27 -23.25 14.54 5.94
CA PRO A 27 -23.70 13.93 4.70
C PRO A 27 -22.57 14.06 3.70
N VAL A 28 -22.23 12.98 3.00
CA VAL A 28 -21.08 12.97 2.11
C VAL A 28 -21.49 12.43 0.76
N VAL A 29 -21.15 13.17 -0.28
CA VAL A 29 -21.53 12.77 -1.62
C VAL A 29 -20.31 12.73 -2.52
N VAL A 30 -19.97 11.53 -2.96
CA VAL A 30 -18.88 11.29 -3.90
C VAL A 30 -19.33 11.44 -5.36
N CYS A 31 -18.68 12.31 -6.11
CA CYS A 31 -19.17 12.71 -7.42
C CYS A 31 -18.21 12.47 -8.55
N VAL A 32 -18.78 12.17 -9.71
CA VAL A 32 -18.01 12.13 -10.93
C VAL A 32 -18.33 13.46 -11.63
N PHE A 33 -17.35 14.36 -11.65
CA PHE A 33 -17.47 15.65 -12.35
C PHE A 33 -17.04 15.52 -13.81
N SER A 34 -17.90 15.94 -14.74
CA SER A 34 -17.57 15.84 -16.16
C SER A 34 -16.67 16.96 -16.70
N GLY A 35 -16.61 18.09 -15.98
CA GLY A 35 -15.69 19.16 -16.36
C GLY A 35 -16.19 20.08 -17.46
N ARG A 36 -17.47 20.00 -17.78
CA ARG A 36 -18.06 20.92 -18.74
C ARG A 36 -18.56 22.30 -18.31
N PHE A 37 -19.64 22.34 -17.53
CA PHE A 37 -20.04 23.61 -16.92
C PHE A 37 -19.82 23.14 -15.48
N GLU A 38 -19.75 24.08 -14.54
CA GLU A 38 -19.48 23.69 -13.16
C GLU A 38 -20.62 22.88 -12.56
N ASP A 39 -20.27 21.81 -11.85
CA ASP A 39 -21.25 20.93 -11.22
C ASP A 39 -21.98 20.03 -12.22
N SER A 40 -21.44 19.95 -13.42
CA SER A 40 -21.94 19.00 -14.39
C SER A 40 -21.40 17.64 -13.98
N GLY A 41 -22.28 16.65 -13.87
CA GLY A 41 -21.86 15.31 -13.50
C GLY A 41 -22.90 14.53 -12.74
N ALA A 42 -22.56 13.29 -12.40
CA ALA A 42 -23.48 12.43 -11.66
C ALA A 42 -22.93 12.10 -10.29
N VAL A 43 -23.78 11.52 -9.45
CA VAL A 43 -23.41 11.07 -8.12
C VAL A 43 -23.03 9.59 -8.22
N ALA A 44 -21.85 9.25 -7.73
CA ALA A 44 -21.39 7.87 -7.74
C ALA A 44 -21.95 7.12 -6.56
N THR A 45 -21.95 7.77 -5.40
CA THR A 45 -22.39 7.16 -4.16
C THR A 45 -22.49 8.27 -3.11
N ALA A 46 -23.30 8.05 -2.09
CA ALA A 46 -23.37 8.99 -0.99
C ALA A 46 -23.52 8.18 0.30
N ASN A 47 -23.15 8.74 1.45
CA ASN A 47 -23.30 7.95 2.68
C ASN A 47 -24.75 7.86 3.09
N TYR A 48 -25.00 7.25 4.24
CA TYR A 48 -26.37 7.01 4.70
C TYR A 48 -27.08 8.22 5.29
N GLU A 49 -26.32 9.25 5.66
CA GLU A 49 -26.91 10.49 6.10
C GLU A 49 -27.45 11.23 4.90
N ALA A 50 -26.75 11.09 3.79
CA ALA A 50 -27.13 11.75 2.55
C ALA A 50 -28.23 10.99 1.81
N ARG A 51 -28.26 9.66 1.97
CA ARG A 51 -29.29 8.86 1.33
C ARG A 51 -30.65 9.10 1.95
N LYS A 52 -30.68 9.46 3.24
CA LYS A 52 -31.91 9.75 3.95
C LYS A 52 -32.68 10.87 3.30
N PHE A 53 -31.97 11.80 2.67
CA PHE A 53 -32.62 12.93 2.00
C PHE A 53 -32.72 12.78 0.49
N GLY A 54 -32.42 11.59 -0.01
CA GLY A 54 -32.72 11.26 -1.40
C GLY A 54 -31.60 11.42 -2.40
N VAL A 55 -30.44 11.82 -1.92
CA VAL A 55 -29.25 11.88 -2.76
C VAL A 55 -28.79 10.46 -2.94
N LYS A 56 -28.92 9.93 -4.14
CA LYS A 56 -28.43 8.59 -4.40
C LYS A 56 -27.64 8.50 -5.72
N ALA A 57 -26.96 7.37 -5.89
CA ALA A 57 -26.11 7.10 -7.05
C ALA A 57 -26.92 7.25 -8.33
N GLY A 58 -26.32 7.90 -9.34
CA GLY A 58 -26.98 8.06 -10.61
C GLY A 58 -27.56 9.45 -10.89
N ILE A 59 -27.95 10.17 -9.84
CA ILE A 59 -28.59 11.47 -10.04
C ILE A 59 -27.57 12.58 -10.30
N PRO A 60 -27.96 13.62 -11.05
CA PRO A 60 -27.00 14.67 -11.39
C PRO A 60 -26.53 15.43 -10.15
N ILE A 61 -25.33 16.00 -10.20
CA ILE A 61 -24.81 16.70 -9.04
C ILE A 61 -25.69 17.92 -8.70
N VAL A 62 -26.14 18.62 -9.74
CA VAL A 62 -27.01 19.79 -9.61
C VAL A 62 -28.33 19.44 -8.94
N GLU A 63 -28.80 18.23 -9.20
CA GLU A 63 -30.04 17.76 -8.60
C GLU A 63 -29.77 17.49 -7.12
N ALA A 64 -28.67 16.80 -6.83
CA ALA A 64 -28.30 16.54 -5.47
C ALA A 64 -28.28 17.82 -4.66
N LYS A 65 -27.70 18.88 -5.24
CA LYS A 65 -27.57 20.17 -4.56
C LYS A 65 -28.91 20.91 -4.44
N LYS A 66 -29.96 20.36 -5.05
CA LYS A 66 -31.31 20.87 -4.84
C LYS A 66 -31.93 20.29 -3.57
N ILE A 67 -31.27 19.29 -3.00
CA ILE A 67 -31.74 18.68 -1.77
C ILE A 67 -30.77 18.98 -0.63
N LEU A 68 -29.50 18.64 -0.82
CA LEU A 68 -28.49 18.86 0.21
C LEU A 68 -27.47 19.91 -0.18
N PRO A 69 -27.88 21.19 -0.18
CA PRO A 69 -26.99 22.32 -0.48
C PRO A 69 -25.73 22.33 0.38
N ASN A 70 -25.80 21.75 1.59
CA ASN A 70 -24.65 21.74 2.48
C ASN A 70 -24.16 20.36 2.89
N ALA A 71 -24.26 19.41 1.97
CA ALA A 71 -23.51 18.17 2.05
C ALA A 71 -22.09 18.46 1.60
N VAL A 72 -21.15 17.60 2.00
CA VAL A 72 -19.80 17.68 1.45
C VAL A 72 -19.77 16.89 0.15
N TYR A 73 -19.33 17.55 -0.91
CA TYR A 73 -19.25 16.93 -2.24
C TYR A 73 -17.81 16.70 -2.62
N LEU A 74 -17.47 15.46 -2.89
CA LEU A 74 -16.07 15.10 -3.12
C LEU A 74 -15.90 14.48 -4.50
N PRO A 75 -14.75 14.75 -5.12
CA PRO A 75 -14.38 14.11 -6.39
C PRO A 75 -14.19 12.62 -6.18
N MET A 76 -14.77 11.84 -7.07
CA MET A 76 -14.49 10.41 -7.03
C MET A 76 -13.01 10.20 -7.21
N ARG A 77 -12.42 9.45 -6.29
CA ARG A 77 -11.01 9.06 -6.38
C ARG A 77 -10.88 7.55 -6.50
N LYS A 78 -11.20 7.04 -7.69
CA LYS A 78 -11.37 5.62 -7.92
C LYS A 78 -10.15 4.79 -7.56
N GLU A 79 -8.97 5.31 -7.88
CA GLU A 79 -7.70 4.59 -7.67
C GLU A 79 -7.43 4.36 -6.18
N VAL A 80 -7.87 5.31 -5.38
CA VAL A 80 -7.78 5.20 -3.92
C VAL A 80 -8.72 4.11 -3.42
N TYR A 81 -9.95 4.13 -3.90
CA TYR A 81 -10.93 3.15 -3.43
C TYR A 81 -10.49 1.75 -3.85
N GLN A 82 -9.73 1.68 -4.95
CA GLN A 82 -9.29 0.41 -5.48
C GLN A 82 -8.14 -0.21 -4.67
N GLN A 83 -7.20 0.61 -4.19
CA GLN A 83 -6.17 0.14 -3.25
C GLN A 83 -6.80 -0.52 -2.00
N VAL A 84 -7.67 0.22 -1.33
CA VAL A 84 -8.33 -0.26 -0.15
C VAL A 84 -9.03 -1.57 -0.46
N SER A 85 -9.79 -1.59 -1.55
CA SER A 85 -10.56 -2.77 -1.92
C SER A 85 -9.68 -3.98 -2.12
N SER A 86 -8.53 -3.78 -2.75
CA SER A 86 -7.64 -4.90 -3.02
C SER A 86 -7.13 -5.49 -1.72
N ARG A 87 -6.81 -4.63 -0.77
CA ARG A 87 -6.33 -5.09 0.52
C ARG A 87 -7.40 -5.88 1.25
N ILE A 88 -8.67 -5.50 1.07
CA ILE A 88 -9.76 -6.18 1.78
C ILE A 88 -10.06 -7.53 1.17
N MET A 89 -9.90 -7.62 -0.15
CA MET A 89 -10.10 -8.88 -0.86
C MET A 89 -9.03 -9.88 -0.46
N ASN A 90 -7.86 -9.39 -0.12
CA ASN A 90 -6.79 -10.26 0.34
C ASN A 90 -7.07 -10.85 1.70
N LEU A 91 -7.66 -10.06 2.59
CA LEU A 91 -8.16 -10.55 3.87
C LEU A 91 -9.15 -11.68 3.65
N LEU A 92 -10.14 -11.44 2.80
CA LEU A 92 -11.17 -12.44 2.53
C LEU A 92 -10.54 -13.73 2.08
N ARG A 93 -9.46 -13.64 1.30
CA ARG A 93 -8.79 -14.83 0.77
C ARG A 93 -8.22 -15.80 1.82
N GLU A 94 -7.84 -15.29 2.98
CA GLU A 94 -7.36 -16.15 4.05
C GLU A 94 -8.50 -17.02 4.57
N TYR A 95 -9.74 -16.64 4.26
CA TYR A 95 -10.92 -17.36 4.75
C TYR A 95 -11.43 -18.44 3.80
N SER A 96 -11.08 -18.36 2.52
CA SER A 96 -11.53 -19.37 1.59
C SER A 96 -10.76 -19.38 0.27
N GLU A 97 -10.55 -20.57 -0.27
CA GLU A 97 -9.90 -20.71 -1.57
C GLU A 97 -10.86 -20.22 -2.62
N LYS A 98 -12.06 -20.77 -2.55
CA LYS A 98 -13.13 -20.44 -3.48
C LYS A 98 -13.75 -19.07 -3.16
N ILE A 99 -13.27 -18.06 -3.89
CA ILE A 99 -13.71 -16.69 -3.74
C ILE A 99 -14.02 -16.05 -5.10
N GLU A 100 -15.16 -15.38 -5.18
CA GLU A 100 -15.51 -14.69 -6.41
C GLU A 100 -15.67 -13.21 -6.14
N ILE A 101 -14.73 -12.44 -6.65
CA ILE A 101 -14.83 -10.99 -6.58
C ILE A 101 -15.81 -10.47 -7.64
N ALA A 102 -16.96 -9.96 -7.20
CA ALA A 102 -18.03 -9.55 -8.11
C ALA A 102 -17.93 -8.09 -8.53
N SER A 103 -17.25 -7.29 -7.73
CA SER A 103 -17.04 -5.88 -8.07
C SER A 103 -16.10 -5.27 -7.07
N ILE A 104 -15.88 -3.98 -7.22
CA ILE A 104 -14.94 -3.29 -6.37
C ILE A 104 -15.33 -3.40 -4.90
N ASP A 105 -16.56 -3.81 -4.58
CA ASP A 105 -16.90 -3.88 -3.16
C ASP A 105 -17.74 -5.09 -2.72
N GLU A 106 -17.78 -6.16 -3.53
CA GLU A 106 -18.46 -7.39 -3.13
C GLU A 106 -17.65 -8.63 -3.46
N ALA A 107 -17.67 -9.60 -2.54
CA ALA A 107 -17.10 -10.90 -2.83
C ALA A 107 -17.99 -12.00 -2.31
N TYR A 108 -18.11 -13.06 -3.06
CA TYR A 108 -18.81 -14.24 -2.59
C TYR A 108 -17.73 -15.22 -2.17
N LEU A 109 -17.94 -15.89 -1.04
CA LEU A 109 -17.05 -16.98 -0.61
C LEU A 109 -17.85 -18.27 -0.51
N ASP A 110 -17.27 -19.38 -0.97
CA ASP A 110 -17.88 -20.68 -0.71
C ASP A 110 -17.19 -21.25 0.52
N ILE A 111 -17.90 -21.26 1.65
CA ILE A 111 -17.30 -21.75 2.87
C ILE A 111 -17.87 -23.10 3.30
N SER A 112 -18.42 -23.85 2.34
CA SER A 112 -18.99 -25.18 2.61
C SER A 112 -18.00 -26.10 3.29
N ASP A 113 -16.73 -26.00 2.89
CA ASP A 113 -15.64 -26.82 3.42
C ASP A 113 -15.12 -26.30 4.74
N LYS A 114 -15.37 -25.02 5.02
CA LYS A 114 -14.80 -24.37 6.18
C LYS A 114 -15.73 -24.43 7.38
N VAL A 115 -17.01 -24.64 7.13
CA VAL A 115 -17.99 -24.72 8.20
C VAL A 115 -19.00 -25.85 7.98
N ARG A 116 -19.64 -26.28 9.06
CA ARG A 116 -20.51 -27.45 9.03
C ARG A 116 -21.99 -27.08 8.90
N ASP A 117 -22.34 -25.89 9.38
CA ASP A 117 -23.72 -25.43 9.39
C ASP A 117 -23.81 -23.89 9.39
N TYR A 118 -25.03 -23.37 9.32
CA TYR A 118 -25.24 -21.93 9.25
C TYR A 118 -24.81 -21.18 10.51
N ARG A 119 -24.82 -21.85 11.65
CA ARG A 119 -24.46 -21.18 12.89
C ARG A 119 -22.96 -20.96 12.93
N GLU A 120 -22.22 -21.90 12.37
CA GLU A 120 -20.77 -21.77 12.27
C GLU A 120 -20.42 -20.69 11.26
N ALA A 121 -21.26 -20.54 10.25
CA ALA A 121 -21.05 -19.56 9.19
C ALA A 121 -21.23 -18.15 9.73
N TYR A 122 -22.26 -17.97 10.55
CA TYR A 122 -22.53 -16.70 11.23
C TYR A 122 -21.30 -16.28 12.00
N ASN A 123 -20.67 -17.24 12.66
CA ASN A 123 -19.53 -16.95 13.53
C ASN A 123 -18.30 -16.60 12.71
N LEU A 124 -18.24 -17.09 11.49
CA LEU A 124 -17.14 -16.76 10.60
C LEU A 124 -17.38 -15.38 10.01
N GLY A 125 -18.63 -15.09 9.73
CA GLY A 125 -19.01 -13.81 9.15
C GLY A 125 -18.60 -12.70 10.08
N LEU A 126 -18.86 -12.91 11.37
CA LEU A 126 -18.49 -11.97 12.41
C LEU A 126 -16.97 -11.80 12.46
N GLU A 127 -16.27 -12.93 12.44
CA GLU A 127 -14.82 -12.95 12.37
C GLU A 127 -14.33 -12.04 11.24
N ILE A 128 -14.96 -12.18 10.08
CA ILE A 128 -14.58 -11.42 8.90
C ILE A 128 -14.86 -9.93 9.07
N LYS A 129 -16.07 -9.58 9.50
CA LYS A 129 -16.43 -8.17 9.78
C LYS A 129 -15.44 -7.48 10.71
N ASN A 130 -15.02 -8.18 11.76
CA ASN A 130 -14.05 -7.63 12.71
C ASN A 130 -12.63 -7.53 12.15
N LYS A 131 -12.23 -8.53 11.36
CA LYS A 131 -10.92 -8.47 10.71
C LYS A 131 -10.89 -7.22 9.85
N ILE A 132 -11.88 -7.09 8.98
CA ILE A 132 -11.92 -5.97 8.05
C ILE A 132 -11.98 -4.67 8.82
N LEU A 133 -12.74 -4.64 9.91
CA LEU A 133 -12.85 -3.41 10.70
C LEU A 133 -11.54 -3.06 11.40
N GLU A 134 -10.85 -4.07 11.90
CA GLU A 134 -9.60 -3.83 12.62
C GLU A 134 -8.53 -3.33 11.67
N LYS A 135 -8.42 -3.96 10.51
CA LYS A 135 -7.29 -3.73 9.63
C LYS A 135 -7.48 -2.54 8.70
N GLU A 136 -8.73 -2.21 8.39
CA GLU A 136 -9.00 -1.15 7.44
C GLU A 136 -10.02 -0.13 7.94
N LYS A 137 -10.57 -0.32 9.14
CA LYS A 137 -11.54 0.62 9.67
C LYS A 137 -12.72 0.80 8.72
N ILE A 138 -13.10 -0.27 8.04
CA ILE A 138 -14.20 -0.26 7.09
C ILE A 138 -15.32 -1.20 7.55
N THR A 139 -16.54 -0.69 7.70
CA THR A 139 -17.67 -1.58 7.99
C THR A 139 -18.22 -2.25 6.73
N VAL A 140 -18.66 -3.49 6.90
CA VAL A 140 -19.19 -4.25 5.78
C VAL A 140 -20.49 -4.90 6.21
N THR A 141 -21.27 -5.35 5.25
CA THR A 141 -22.44 -6.19 5.52
C THR A 141 -22.20 -7.58 4.96
N VAL A 142 -22.70 -8.58 5.69
CA VAL A 142 -22.55 -9.97 5.31
C VAL A 142 -23.90 -10.65 5.09
N GLY A 143 -23.99 -11.43 4.01
CA GLY A 143 -25.12 -12.31 3.77
C GLY A 143 -24.71 -13.76 3.62
N ILE A 144 -25.45 -14.68 4.27
CA ILE A 144 -25.18 -16.11 4.21
C ILE A 144 -26.41 -16.94 3.83
N SER A 145 -26.28 -17.77 2.80
CA SER A 145 -27.41 -18.57 2.32
C SER A 145 -26.96 -19.76 1.47
N LYS A 146 -27.93 -20.39 0.79
CA LYS A 146 -27.66 -21.57 -0.04
C LYS A 146 -26.95 -21.31 -1.37
N ASN A 147 -27.16 -20.13 -1.95
CA ASN A 147 -26.52 -19.80 -3.22
C ASN A 147 -26.14 -18.34 -3.29
N LYS A 148 -25.41 -17.96 -4.33
CA LYS A 148 -24.96 -16.58 -4.50
C LYS A 148 -26.13 -15.59 -4.44
N VAL A 149 -27.14 -15.84 -5.25
CA VAL A 149 -28.30 -14.95 -5.33
C VAL A 149 -28.92 -14.63 -3.96
N PHE A 150 -29.17 -15.65 -3.15
CA PHE A 150 -29.77 -15.42 -1.84
C PHE A 150 -28.79 -14.94 -0.78
N ALA A 151 -27.50 -15.16 -0.99
CA ALA A 151 -26.52 -14.62 -0.06
C ALA A 151 -26.51 -13.11 -0.21
N LYS A 152 -26.59 -12.64 -1.45
CA LYS A 152 -26.64 -11.23 -1.72
C LYS A 152 -27.93 -10.60 -1.18
N ILE A 153 -29.07 -11.20 -1.50
CA ILE A 153 -30.34 -10.74 -0.94
C ILE A 153 -30.25 -10.56 0.59
N ALA A 154 -29.73 -11.57 1.28
CA ALA A 154 -29.52 -11.48 2.71
C ALA A 154 -28.70 -10.23 3.07
N ALA A 155 -27.73 -9.87 2.23
CA ALA A 155 -26.93 -8.70 2.54
C ALA A 155 -27.72 -7.43 2.28
N ASP A 156 -28.54 -7.44 1.21
CA ASP A 156 -29.32 -6.25 0.87
C ASP A 156 -30.38 -6.02 1.94
N MET A 157 -30.59 -7.02 2.79
CA MET A 157 -31.59 -6.91 3.83
C MET A 157 -30.99 -6.46 5.15
N ALA A 158 -29.68 -6.62 5.30
CA ALA A 158 -29.05 -6.32 6.59
C ALA A 158 -28.12 -5.13 6.56
N LYS A 159 -27.96 -4.52 5.40
CA LYS A 159 -27.11 -3.33 5.30
C LYS A 159 -27.76 -2.12 5.97
N PRO A 160 -26.92 -1.21 6.53
CA PRO A 160 -25.46 -1.35 6.59
C PRO A 160 -24.95 -2.00 7.89
N ASN A 161 -23.64 -2.17 7.97
CA ASN A 161 -22.95 -2.74 9.13
C ASN A 161 -23.60 -4.00 9.69
N GLY A 162 -24.31 -4.74 8.85
CA GLY A 162 -25.09 -5.88 9.32
C GLY A 162 -24.60 -7.23 8.85
N ILE A 163 -25.36 -8.25 9.22
CA ILE A 163 -25.09 -9.66 8.90
C ILE A 163 -26.40 -10.41 9.02
N LYS A 164 -26.74 -11.23 8.01
CA LYS A 164 -28.00 -11.97 8.06
C LYS A 164 -27.92 -13.33 7.42
N VAL A 165 -28.59 -14.30 8.04
CA VAL A 165 -28.68 -15.63 7.45
C VAL A 165 -30.08 -15.88 6.92
N ILE A 166 -30.16 -16.34 5.68
CA ILE A 166 -31.42 -16.77 5.11
C ILE A 166 -31.38 -18.28 5.00
N ASP A 167 -31.98 -18.97 5.97
CA ASP A 167 -31.93 -20.44 6.00
C ASP A 167 -32.91 -21.06 5.00
N ASP A 168 -32.96 -22.39 4.99
CA ASP A 168 -33.79 -23.09 4.01
C ASP A 168 -35.28 -22.76 4.13
N GLU A 169 -35.75 -22.45 5.33
CA GLU A 169 -37.17 -22.14 5.50
C GLU A 169 -37.54 -20.75 4.98
N GLU A 170 -36.66 -19.79 5.15
CA GLU A 170 -36.92 -18.42 4.69
C GLU A 170 -36.74 -18.25 3.17
N VAL A 171 -36.04 -19.18 2.53
CA VAL A 171 -35.87 -19.15 1.07
C VAL A 171 -37.18 -19.45 0.35
N LYS A 172 -37.86 -20.50 0.80
CA LYS A 172 -39.19 -20.81 0.29
C LYS A 172 -40.08 -19.61 0.50
N ARG A 173 -40.04 -19.04 1.70
CA ARG A 173 -40.84 -17.87 2.04
C ARG A 173 -40.54 -16.71 1.10
N LEU A 174 -39.26 -16.41 0.92
CA LEU A 174 -38.83 -15.27 0.12
C LEU A 174 -39.17 -15.44 -1.35
N ILE A 175 -39.23 -16.68 -1.81
CA ILE A 175 -39.61 -16.93 -3.20
C ILE A 175 -41.07 -16.53 -3.41
N ARG A 176 -41.87 -16.68 -2.37
CA ARG A 176 -43.25 -16.25 -2.39
C ARG A 176 -43.35 -14.73 -2.21
N GLU A 177 -42.92 -14.24 -1.04
CA GLU A 177 -43.13 -12.84 -0.69
C GLU A 177 -41.90 -11.96 -0.79
N LEU A 178 -41.65 -11.44 -1.99
CA LEU A 178 -40.48 -10.60 -2.24
C LEU A 178 -40.56 -9.97 -3.62
N ASP A 179 -40.54 -8.64 -3.65
CA ASP A 179 -40.67 -7.89 -4.90
C ASP A 179 -39.58 -8.25 -5.90
N ILE A 180 -39.98 -8.44 -7.15
CA ILE A 180 -39.12 -8.96 -8.20
C ILE A 180 -38.05 -7.96 -8.64
N ALA A 181 -38.23 -6.70 -8.27
CA ALA A 181 -37.29 -5.64 -8.66
C ALA A 181 -36.14 -5.52 -7.69
N ASP A 182 -36.25 -6.26 -6.58
CA ASP A 182 -35.15 -6.39 -5.63
C ASP A 182 -34.31 -7.59 -5.98
N VAL A 183 -34.51 -8.10 -7.19
CA VAL A 183 -33.77 -9.27 -7.67
C VAL A 183 -32.50 -8.88 -8.46
N PRO A 184 -31.33 -9.18 -7.90
CA PRO A 184 -30.04 -8.90 -8.53
C PRO A 184 -30.08 -9.12 -10.04
N GLY A 185 -29.56 -8.17 -10.81
CA GLY A 185 -29.61 -8.21 -12.26
C GLY A 185 -30.94 -7.76 -12.83
N ILE A 186 -31.79 -7.20 -11.98
CA ILE A 186 -33.06 -6.62 -12.45
C ILE A 186 -33.14 -5.14 -12.08
N GLY A 187 -32.90 -4.28 -13.06
CA GLY A 187 -32.98 -2.84 -12.87
C GLY A 187 -34.26 -2.24 -13.43
N ASN A 188 -34.40 -0.93 -13.29
CA ASN A 188 -35.59 -0.21 -13.76
C ASN A 188 -36.14 -0.73 -15.09
N ILE A 189 -35.29 -0.80 -16.10
CA ILE A 189 -35.70 -1.22 -17.45
C ILE A 189 -36.34 -2.61 -17.48
N THR A 190 -35.83 -3.53 -16.66
CA THR A 190 -36.38 -4.87 -16.60
C THR A 190 -37.50 -4.95 -15.57
N ALA A 191 -37.30 -4.31 -14.43
CA ALA A 191 -38.33 -4.21 -13.40
C ALA A 191 -39.54 -3.43 -13.92
N GLU A 192 -39.35 -2.72 -15.03
CA GLU A 192 -40.42 -1.96 -15.64
C GLU A 192 -41.26 -2.87 -16.53
N LYS A 193 -40.63 -3.44 -17.53
CA LYS A 193 -41.32 -4.29 -18.50
C LYS A 193 -42.07 -5.45 -17.84
N LEU A 194 -41.64 -5.84 -16.64
CA LEU A 194 -42.28 -6.93 -15.92
C LEU A 194 -43.45 -6.44 -15.09
N LYS A 195 -43.53 -5.13 -14.90
CA LYS A 195 -44.53 -4.50 -14.05
C LYS A 195 -45.82 -4.24 -14.81
N LYS A 196 -45.82 -4.56 -16.10
CA LYS A 196 -46.96 -4.33 -16.97
C LYS A 196 -47.61 -5.64 -17.41
N LEU A 197 -47.04 -6.75 -16.96
CA LEU A 197 -47.59 -8.07 -17.21
C LEU A 197 -48.24 -8.62 -15.95
N GLY A 198 -48.23 -7.82 -14.89
CA GLY A 198 -48.72 -8.25 -13.59
C GLY A 198 -47.58 -8.80 -12.76
N ILE A 199 -46.63 -9.44 -13.44
CA ILE A 199 -45.45 -10.00 -12.80
C ILE A 199 -44.90 -8.97 -11.83
N ASN A 200 -45.04 -9.25 -10.54
CA ASN A 200 -44.57 -8.33 -9.51
C ASN A 200 -43.72 -9.10 -8.49
N LYS A 201 -43.84 -10.42 -8.52
CA LYS A 201 -43.08 -11.28 -7.63
C LYS A 201 -42.42 -12.37 -8.46
N LEU A 202 -41.34 -12.96 -7.94
CA LEU A 202 -40.66 -14.06 -8.62
C LEU A 202 -41.63 -15.18 -8.97
N VAL A 203 -42.45 -15.56 -8.00
CA VAL A 203 -43.36 -16.68 -8.17
C VAL A 203 -44.26 -16.48 -9.38
N ASP A 204 -44.53 -15.22 -9.70
CA ASP A 204 -45.39 -14.87 -10.83
C ASP A 204 -44.79 -15.31 -12.16
N THR A 205 -43.48 -15.46 -12.21
CA THR A 205 -42.83 -15.83 -13.46
C THR A 205 -43.14 -17.27 -13.81
N LEU A 206 -43.89 -17.97 -12.96
CA LEU A 206 -44.20 -19.38 -13.18
C LEU A 206 -45.60 -19.60 -13.75
N SER A 207 -46.45 -18.59 -13.65
CA SER A 207 -47.82 -18.70 -14.13
C SER A 207 -47.95 -18.12 -15.54
N ILE A 208 -46.96 -17.36 -15.97
CA ILE A 208 -46.97 -16.75 -17.29
C ILE A 208 -46.39 -17.68 -18.35
N GLU A 209 -46.97 -17.62 -19.54
CA GLU A 209 -46.47 -18.37 -20.68
C GLU A 209 -44.99 -18.04 -20.87
N PHE A 210 -44.15 -19.07 -20.85
CA PHE A 210 -42.71 -18.89 -20.99
C PHE A 210 -42.36 -18.01 -22.18
N ASP A 211 -42.76 -18.45 -23.37
CA ASP A 211 -42.47 -17.71 -24.59
C ASP A 211 -42.82 -16.23 -24.50
N LYS A 212 -43.78 -15.89 -23.64
CA LYS A 212 -44.22 -14.51 -23.52
C LYS A 212 -43.26 -13.73 -22.62
N LEU A 213 -42.87 -14.36 -21.52
CA LEU A 213 -41.87 -13.76 -20.64
C LEU A 213 -40.56 -13.62 -21.42
N LYS A 214 -40.19 -14.68 -22.12
CA LYS A 214 -39.03 -14.65 -23.00
C LYS A 214 -39.15 -13.47 -23.95
N GLY A 215 -40.17 -13.48 -24.79
CA GLY A 215 -40.39 -12.41 -25.74
C GLY A 215 -40.57 -11.05 -25.07
N MET A 216 -40.43 -11.01 -23.76
CA MET A 216 -40.60 -9.78 -23.01
C MET A 216 -39.31 -9.25 -22.39
N ILE A 217 -38.49 -10.15 -21.83
CA ILE A 217 -37.22 -9.75 -21.21
C ILE A 217 -36.01 -10.56 -21.68
N GLY A 218 -36.18 -11.29 -22.79
CA GLY A 218 -35.10 -12.08 -23.34
C GLY A 218 -34.96 -13.45 -22.69
N GLU A 219 -34.32 -14.37 -23.40
CA GLU A 219 -34.21 -15.76 -22.94
C GLU A 219 -33.24 -15.94 -21.77
N ALA A 220 -32.51 -14.88 -21.43
CA ALA A 220 -31.55 -14.97 -20.34
C ALA A 220 -32.18 -14.64 -19.00
N LYS A 221 -32.81 -13.48 -18.90
CA LYS A 221 -33.41 -13.08 -17.63
C LYS A 221 -34.67 -13.86 -17.30
N ALA A 222 -35.31 -14.45 -18.31
CA ALA A 222 -36.46 -15.32 -18.06
C ALA A 222 -36.01 -16.59 -17.34
N LYS A 223 -35.17 -17.37 -18.01
CA LYS A 223 -34.64 -18.60 -17.42
C LYS A 223 -34.02 -18.30 -16.08
N TYR A 224 -33.49 -17.10 -15.91
CA TYR A 224 -32.88 -16.72 -14.64
C TYR A 224 -33.95 -16.61 -13.55
N LEU A 225 -34.92 -15.73 -13.76
CA LEU A 225 -35.98 -15.52 -12.78
C LEU A 225 -36.76 -16.80 -12.50
N ILE A 226 -37.00 -17.58 -13.54
CA ILE A 226 -37.68 -18.86 -13.37
C ILE A 226 -36.89 -19.78 -12.47
N SER A 227 -35.58 -19.88 -12.69
CA SER A 227 -34.78 -20.81 -11.91
C SER A 227 -34.76 -20.41 -10.45
N LEU A 228 -34.65 -19.11 -10.20
CA LEU A 228 -34.78 -18.56 -8.86
C LEU A 228 -36.12 -18.92 -8.22
N ALA A 229 -37.20 -18.88 -9.01
CA ALA A 229 -38.55 -19.10 -8.49
C ALA A 229 -38.77 -20.57 -8.18
N ARG A 230 -38.16 -21.44 -8.97
CA ARG A 230 -38.24 -22.89 -8.76
C ARG A 230 -37.31 -23.31 -7.64
N ASP A 231 -36.44 -22.39 -7.23
CA ASP A 231 -35.49 -22.65 -6.17
C ASP A 231 -34.47 -23.66 -6.66
N GLU A 232 -34.07 -23.52 -7.94
CA GLU A 232 -33.07 -24.40 -8.52
C GLU A 232 -31.94 -23.61 -9.17
N TYR A 233 -31.62 -22.47 -8.57
CA TYR A 233 -30.53 -21.65 -9.05
C TYR A 233 -29.23 -22.25 -8.52
N ASN A 234 -28.38 -22.71 -9.42
CA ASN A 234 -27.13 -23.35 -9.03
C ASN A 234 -25.94 -22.82 -9.81
N GLU A 235 -25.42 -21.67 -9.38
CA GLU A 235 -24.20 -21.13 -9.95
C GLU A 235 -23.05 -21.18 -8.96
N PRO A 236 -21.94 -21.82 -9.36
CA PRO A 236 -20.75 -21.98 -8.54
C PRO A 236 -19.99 -20.66 -8.42
N ILE A 237 -19.30 -20.50 -7.30
CA ILE A 237 -18.39 -19.38 -7.11
C ILE A 237 -17.16 -19.65 -7.95
N ARG A 238 -16.90 -18.85 -8.97
CA ARG A 238 -15.66 -19.01 -9.74
C ARG A 238 -14.90 -17.71 -9.80
N THR A 239 -13.59 -17.81 -9.92
CA THR A 239 -12.75 -16.63 -10.05
C THR A 239 -13.26 -15.79 -11.22
N ARG A 240 -13.52 -14.51 -10.98
CA ARG A 240 -13.92 -13.65 -12.08
C ARG A 240 -12.70 -13.15 -12.81
N VAL A 241 -12.81 -13.10 -14.12
CA VAL A 241 -11.69 -12.72 -14.94
C VAL A 241 -12.16 -11.60 -15.83
N ARG A 242 -11.59 -10.43 -15.60
CA ARG A 242 -11.87 -9.23 -16.37
C ARG A 242 -11.80 -9.53 -17.86
N LYS A 243 -12.81 -9.07 -18.59
CA LYS A 243 -12.95 -9.41 -19.99
C LYS A 243 -12.73 -8.21 -20.92
N SER A 244 -12.57 -7.03 -20.31
CA SER A 244 -12.30 -5.80 -21.05
C SER A 244 -11.79 -4.69 -20.13
N ILE A 245 -11.10 -3.73 -20.72
CA ILE A 245 -10.55 -2.60 -19.99
C ILE A 245 -10.64 -1.38 -20.87
N GLY A 246 -11.09 -0.26 -20.31
CA GLY A 246 -11.32 0.90 -21.13
C GLY A 246 -11.31 2.25 -20.43
N ARG A 247 -11.44 3.30 -21.23
CA ARG A 247 -11.41 4.65 -20.73
C ARG A 247 -12.20 5.50 -21.70
N ILE A 248 -13.10 6.32 -21.16
CA ILE A 248 -13.98 7.18 -21.94
C ILE A 248 -14.02 8.57 -21.31
N VAL A 249 -13.36 9.53 -21.96
CA VAL A 249 -13.18 10.88 -21.41
C VAL A 249 -14.20 11.85 -21.97
N THR A 250 -14.59 12.82 -21.14
CA THR A 250 -15.45 13.91 -21.58
C THR A 250 -14.59 15.03 -22.12
N MET A 251 -14.90 15.51 -23.32
CA MET A 251 -14.15 16.61 -23.91
C MET A 251 -14.69 17.98 -23.49
N LYS A 252 -13.78 18.93 -23.35
CA LYS A 252 -14.15 20.32 -23.03
C LYS A 252 -15.45 20.75 -23.71
N ARG A 253 -15.43 20.85 -25.03
CA ARG A 253 -16.62 21.19 -25.80
C ARG A 253 -16.89 20.10 -26.83
N ASN A 254 -18.16 19.97 -27.23
CA ASN A 254 -18.54 19.01 -28.28
C ASN A 254 -17.72 19.23 -29.54
N SER A 255 -17.89 18.34 -30.51
CA SER A 255 -17.13 18.41 -31.75
C SER A 255 -17.54 17.32 -32.72
N ARG A 256 -17.19 17.51 -33.99
CA ARG A 256 -17.40 16.50 -35.02
C ARG A 256 -16.21 16.57 -35.94
N ASN A 257 -15.15 17.22 -35.46
CA ASN A 257 -13.92 17.36 -36.22
C ASN A 257 -12.82 16.48 -35.66
N LEU A 258 -12.27 15.63 -36.53
CA LEU A 258 -11.32 14.61 -36.11
C LEU A 258 -10.08 15.13 -35.39
N GLU A 259 -9.74 16.40 -35.59
CA GLU A 259 -8.45 16.90 -35.12
C GLU A 259 -8.38 17.28 -33.64
N GLU A 260 -9.49 17.75 -33.08
CA GLU A 260 -9.53 18.11 -31.66
C GLU A 260 -9.80 16.88 -30.78
N ILE A 261 -10.48 15.89 -31.35
CA ILE A 261 -10.91 14.70 -30.63
C ILE A 261 -9.75 13.84 -30.09
N LYS A 262 -8.59 13.93 -30.71
CA LYS A 262 -7.37 13.39 -30.13
C LYS A 262 -6.52 14.56 -29.61
N PRO A 263 -5.75 14.35 -28.52
CA PRO A 263 -5.70 13.18 -27.64
C PRO A 263 -6.97 13.00 -26.81
N TYR A 264 -7.09 11.84 -26.18
CA TYR A 264 -8.33 11.46 -25.52
C TYR A 264 -9.45 11.69 -26.52
N LEU A 265 -9.68 10.82 -27.51
CA LEU A 265 -9.13 9.47 -27.77
C LEU A 265 -7.72 8.91 -27.46
N PHE A 266 -6.68 9.71 -27.65
CA PHE A 266 -5.31 9.24 -27.47
C PHE A 266 -4.99 9.13 -25.97
N ARG A 267 -5.54 10.02 -25.15
CA ARG A 267 -5.33 9.93 -23.72
C ARG A 267 -5.97 8.65 -23.23
N ALA A 268 -7.19 8.39 -23.69
CA ALA A 268 -7.95 7.20 -23.35
C ALA A 268 -7.16 5.93 -23.64
N ILE A 269 -6.42 5.93 -24.75
CA ILE A 269 -5.63 4.77 -25.14
C ILE A 269 -4.43 4.54 -24.22
N GLU A 270 -3.71 5.60 -23.91
CA GLU A 270 -2.55 5.52 -23.03
C GLU A 270 -2.93 5.15 -21.61
N GLU A 271 -4.10 5.60 -21.19
CA GLU A 271 -4.61 5.31 -19.85
C GLU A 271 -5.06 3.86 -19.77
N SER A 272 -5.73 3.39 -20.81
CA SER A 272 -6.20 2.00 -20.86
C SER A 272 -5.01 1.04 -20.86
N TYR A 273 -3.96 1.41 -21.58
CA TYR A 273 -2.82 0.52 -21.72
C TYR A 273 -2.05 0.31 -20.42
N TYR A 274 -2.01 1.35 -19.59
CA TYR A 274 -1.43 1.25 -18.26
C TYR A 274 -2.31 0.40 -17.35
N LYS A 275 -3.60 0.34 -17.65
CA LYS A 275 -4.53 -0.50 -16.90
C LYS A 275 -4.52 -1.92 -17.44
N LEU A 276 -3.96 -2.11 -18.63
CA LEU A 276 -3.95 -3.43 -19.25
C LEU A 276 -2.99 -4.40 -18.57
N ASP A 277 -1.92 -3.86 -18.00
CA ASP A 277 -1.01 -4.65 -17.17
C ASP A 277 -0.35 -5.76 -17.97
N LYS A 278 0.28 -5.39 -19.08
CA LYS A 278 0.95 -6.34 -19.96
C LYS A 278 0.03 -7.45 -20.47
N ARG A 279 -1.26 -7.32 -20.18
CA ARG A 279 -2.29 -8.06 -20.89
C ARG A 279 -2.35 -7.53 -22.31
N ILE A 280 -2.48 -8.43 -23.27
CA ILE A 280 -2.53 -8.02 -24.66
C ILE A 280 -3.90 -8.35 -25.20
N PRO A 281 -4.61 -7.32 -25.69
CA PRO A 281 -5.96 -7.55 -26.21
C PRO A 281 -5.87 -7.71 -27.71
N LYS A 282 -6.82 -8.43 -28.31
CA LYS A 282 -6.82 -8.61 -29.75
C LYS A 282 -7.91 -7.76 -30.42
N ALA A 283 -8.88 -7.31 -29.63
CA ALA A 283 -9.94 -6.44 -30.12
C ALA A 283 -9.91 -5.04 -29.48
N ILE A 284 -10.40 -4.07 -30.23
CA ILE A 284 -10.46 -2.68 -29.78
C ILE A 284 -11.73 -2.02 -30.30
N HIS A 285 -12.50 -1.39 -29.42
CA HIS A 285 -13.67 -0.65 -29.85
C HIS A 285 -13.51 0.81 -29.48
N VAL A 286 -13.72 1.71 -30.44
CA VAL A 286 -13.73 3.12 -30.12
C VAL A 286 -15.15 3.47 -29.71
N VAL A 287 -15.29 4.13 -28.57
CA VAL A 287 -16.61 4.46 -28.06
C VAL A 287 -16.91 5.95 -28.05
N ALA A 288 -18.05 6.30 -28.61
CA ALA A 288 -18.46 7.69 -28.71
C ALA A 288 -19.84 7.91 -28.10
N VAL A 289 -19.96 9.01 -27.36
CA VAL A 289 -21.24 9.48 -26.84
C VAL A 289 -21.52 10.79 -27.54
N THR A 290 -22.65 10.86 -28.26
CA THR A 290 -22.98 12.08 -29.00
C THR A 290 -23.60 13.16 -28.10
N GLU A 291 -24.19 14.16 -28.72
CA GLU A 291 -24.83 15.26 -28.00
C GLU A 291 -25.95 14.78 -27.10
N ASP A 292 -26.94 14.11 -27.69
CA ASP A 292 -28.13 13.65 -26.97
C ASP A 292 -27.86 12.49 -26.02
N LEU A 293 -26.59 12.13 -25.88
CA LEU A 293 -26.17 11.11 -24.93
C LEU A 293 -26.36 9.69 -25.45
N ASP A 294 -26.55 9.56 -26.77
CA ASP A 294 -26.66 8.24 -27.36
C ASP A 294 -25.28 7.64 -27.65
N ILE A 295 -25.19 6.31 -27.55
CA ILE A 295 -23.92 5.61 -27.64
C ILE A 295 -23.69 4.98 -29.03
N VAL A 296 -22.59 5.34 -29.66
CA VAL A 296 -22.19 4.81 -30.96
C VAL A 296 -20.78 4.25 -30.90
N SER A 297 -20.54 3.09 -31.51
CA SER A 297 -19.21 2.51 -31.43
C SER A 297 -18.85 1.66 -32.65
N ARG A 298 -17.56 1.63 -33.00
CA ARG A 298 -17.06 0.76 -34.06
C ARG A 298 -15.85 0.01 -33.55
N GLY A 299 -15.71 -1.24 -33.97
CA GLY A 299 -14.60 -2.06 -33.52
C GLY A 299 -13.93 -2.95 -34.55
N ARG A 300 -12.83 -3.57 -34.14
CA ARG A 300 -12.07 -4.48 -35.00
C ARG A 300 -11.33 -5.55 -34.17
N THR A 301 -11.28 -6.77 -34.70
CA THR A 301 -10.60 -7.87 -34.02
C THR A 301 -9.46 -8.37 -34.90
N PHE A 302 -8.25 -8.40 -34.35
CA PHE A 302 -7.11 -8.84 -35.11
C PHE A 302 -6.80 -10.28 -34.73
N PRO A 303 -6.10 -11.00 -35.63
CA PRO A 303 -5.74 -12.40 -35.34
C PRO A 303 -4.57 -12.43 -34.36
N HIS A 304 -4.14 -11.28 -33.90
CA HIS A 304 -3.00 -11.18 -32.99
C HIS A 304 -3.25 -10.08 -31.95
N GLY A 305 -2.29 -9.88 -31.06
CA GLY A 305 -2.39 -8.82 -30.07
C GLY A 305 -2.12 -7.43 -30.63
N ILE A 306 -2.83 -6.44 -30.08
CA ILE A 306 -2.65 -5.04 -30.47
C ILE A 306 -1.55 -4.32 -29.66
N SER A 307 -0.49 -3.88 -30.34
CA SER A 307 0.52 -3.07 -29.68
C SER A 307 -0.07 -1.69 -29.39
N LYS A 308 0.59 -0.94 -28.51
CA LYS A 308 0.13 0.39 -28.13
C LYS A 308 0.04 1.34 -29.34
N GLU A 309 1.06 1.32 -30.20
CA GLU A 309 1.07 2.14 -31.41
C GLU A 309 -0.04 1.76 -32.40
N THR A 310 -0.23 0.46 -32.61
CA THR A 310 -1.29 -0.03 -33.47
C THR A 310 -2.66 0.46 -32.99
N ALA A 311 -2.82 0.50 -31.66
CA ALA A 311 -4.07 0.94 -31.07
C ALA A 311 -4.38 2.36 -31.52
N TYR A 312 -3.39 3.24 -31.42
CA TYR A 312 -3.49 4.62 -31.89
C TYR A 312 -4.04 4.71 -33.31
N SER A 313 -3.30 4.14 -34.26
CA SER A 313 -3.66 4.31 -35.67
C SER A 313 -4.97 3.65 -36.02
N GLU A 314 -5.25 2.52 -35.40
CA GLU A 314 -6.47 1.79 -35.69
C GLU A 314 -7.73 2.48 -35.09
N SER A 315 -7.54 3.19 -33.98
CA SER A 315 -8.65 3.93 -33.36
C SER A 315 -9.04 5.18 -34.14
N VAL A 316 -8.07 5.77 -34.84
CA VAL A 316 -8.37 6.92 -35.69
C VAL A 316 -9.25 6.50 -36.85
N LYS A 317 -8.95 5.33 -37.41
CA LYS A 317 -9.75 4.79 -38.49
C LYS A 317 -11.11 4.37 -38.00
N LEU A 318 -11.16 3.89 -36.76
CA LEU A 318 -12.43 3.56 -36.14
C LEU A 318 -13.18 4.84 -35.79
N LEU A 319 -12.42 5.87 -35.38
CA LEU A 319 -12.99 7.20 -35.16
C LEU A 319 -13.59 7.80 -36.43
N GLN A 320 -12.86 7.71 -37.53
CA GLN A 320 -13.35 8.23 -38.80
C GLN A 320 -14.61 7.52 -39.25
N LYS A 321 -14.63 6.21 -39.07
CA LYS A 321 -15.80 5.45 -39.46
C LYS A 321 -17.04 6.03 -38.79
N ILE A 322 -17.02 6.12 -37.46
CA ILE A 322 -18.14 6.70 -36.72
C ILE A 322 -18.52 8.04 -37.29
N LEU A 323 -17.51 8.87 -37.54
CA LEU A 323 -17.70 10.25 -37.96
C LEU A 323 -18.63 10.38 -39.16
N GLU A 324 -18.52 9.47 -40.12
CA GLU A 324 -19.35 9.55 -41.31
C GLU A 324 -20.39 8.44 -41.39
N GLU A 325 -21.01 8.14 -40.26
CA GLU A 325 -22.20 7.30 -40.22
C GLU A 325 -23.11 7.85 -39.14
N ASP A 326 -22.58 8.81 -38.40
CA ASP A 326 -23.35 9.69 -37.51
C ASP A 326 -22.91 11.14 -37.70
N GLU A 327 -23.84 12.02 -38.06
CA GLU A 327 -23.51 13.40 -38.38
C GLU A 327 -23.41 14.28 -37.13
N ARG A 328 -24.00 13.83 -36.04
CA ARG A 328 -24.04 14.63 -34.80
C ARG A 328 -22.71 14.68 -34.09
N LYS A 329 -22.58 15.63 -33.15
CA LYS A 329 -21.29 15.89 -32.50
C LYS A 329 -20.95 14.98 -31.30
N ILE A 330 -19.66 14.95 -30.98
CA ILE A 330 -19.14 14.06 -29.96
C ILE A 330 -18.95 14.78 -28.63
N ARG A 331 -19.67 14.30 -27.63
CA ARG A 331 -19.56 14.83 -26.28
C ARG A 331 -18.47 14.12 -25.50
N ARG A 332 -18.36 12.81 -25.70
CA ARG A 332 -17.41 11.99 -24.96
C ARG A 332 -16.79 10.91 -25.84
N ILE A 333 -15.48 10.72 -25.71
CA ILE A 333 -14.77 9.79 -26.59
C ILE A 333 -13.90 8.86 -25.76
N GLY A 334 -13.86 7.58 -26.13
CA GLY A 334 -13.07 6.63 -25.40
C GLY A 334 -12.71 5.40 -26.19
N VAL A 335 -12.19 4.40 -25.49
CA VAL A 335 -11.74 3.19 -26.16
C VAL A 335 -11.91 2.01 -25.21
N ARG A 336 -11.91 0.81 -25.76
CA ARG A 336 -12.28 -0.37 -24.99
C ARG A 336 -11.56 -1.57 -25.56
N PHE A 337 -10.78 -2.25 -24.73
CA PHE A 337 -9.95 -3.36 -25.23
C PHE A 337 -10.43 -4.67 -24.71
N SER A 338 -10.40 -5.71 -25.55
CA SER A 338 -10.93 -7.01 -25.14
C SER A 338 -10.30 -8.13 -25.96
N LYS A 339 -10.88 -9.33 -25.81
CA LYS A 339 -10.31 -10.55 -26.36
C LYS A 339 -8.82 -10.66 -26.05
N PHE A 340 -8.49 -10.82 -24.77
CA PHE A 340 -7.10 -10.87 -24.34
C PHE A 340 -6.43 -12.21 -24.68
N ILE A 341 -5.11 -12.17 -24.85
CA ILE A 341 -4.33 -13.38 -25.10
C ILE A 341 -4.09 -14.15 -23.80
N MET B 1 43.18 7.73 -3.05
CA MET B 1 42.28 6.59 -2.87
C MET B 1 40.95 6.93 -3.52
N ILE B 2 40.31 5.94 -4.13
CA ILE B 2 39.01 6.17 -4.73
C ILE B 2 37.92 5.27 -4.16
N VAL B 3 37.01 5.88 -3.41
CA VAL B 3 35.92 5.16 -2.77
C VAL B 3 34.62 5.33 -3.53
N LEU B 4 33.92 4.21 -3.75
CA LEU B 4 32.62 4.23 -4.39
C LEU B 4 31.59 3.77 -3.37
N PHE B 5 30.61 4.62 -3.10
CA PHE B 5 29.61 4.33 -2.07
C PHE B 5 28.25 4.05 -2.71
N VAL B 6 27.60 2.97 -2.28
CA VAL B 6 26.29 2.64 -2.82
C VAL B 6 25.22 2.72 -1.76
N ASP B 7 24.21 3.55 -1.99
CA ASP B 7 23.05 3.62 -1.10
C ASP B 7 21.77 3.21 -1.81
N PHE B 8 21.05 2.22 -1.27
CA PHE B 8 19.78 1.79 -1.85
C PHE B 8 18.66 2.82 -1.57
N ASP B 9 17.96 3.25 -2.63
CA ASP B 9 16.92 4.28 -2.51
C ASP B 9 15.70 3.83 -1.73
N TYR B 10 15.34 4.60 -0.69
CA TYR B 10 14.15 4.37 0.14
C TYR B 10 13.86 2.88 0.30
N PHE B 11 14.87 2.18 0.79
CA PHE B 11 14.97 0.73 0.68
C PHE B 11 13.72 -0.09 1.04
N TYR B 12 13.26 -0.01 2.30
CA TYR B 12 12.17 -0.88 2.74
C TYR B 12 10.96 -0.65 1.87
N ALA B 13 10.72 0.62 1.55
CA ALA B 13 9.56 0.99 0.76
C ALA B 13 9.75 0.60 -0.71
N GLN B 14 10.99 0.70 -1.21
CA GLN B 14 11.20 0.25 -2.58
C GLN B 14 11.04 -1.26 -2.73
N VAL B 15 11.45 -2.02 -1.71
CA VAL B 15 11.24 -3.47 -1.75
C VAL B 15 9.75 -3.81 -1.83
N GLU B 16 8.95 -3.14 -1.01
CA GLU B 16 7.50 -3.30 -1.09
C GLU B 16 6.95 -2.97 -2.48
N GLU B 17 7.51 -1.95 -3.13
CA GLU B 17 7.11 -1.57 -4.49
C GLU B 17 7.45 -2.63 -5.54
N VAL B 18 8.50 -3.39 -5.32
CA VAL B 18 8.89 -4.42 -6.26
C VAL B 18 8.05 -5.69 -6.09
N LEU B 19 7.65 -5.97 -4.85
CA LEU B 19 6.78 -7.10 -4.59
C LEU B 19 5.35 -6.79 -4.99
N ASN B 20 4.96 -5.53 -4.84
CA ASN B 20 3.64 -5.06 -5.26
C ASN B 20 3.76 -3.85 -6.18
N PRO B 21 3.96 -4.10 -7.47
CA PRO B 21 4.14 -3.11 -8.55
C PRO B 21 3.05 -2.03 -8.63
N SER B 22 1.87 -2.29 -8.08
CA SER B 22 0.79 -1.31 -8.12
C SER B 22 1.00 -0.13 -7.17
N LEU B 23 2.03 -0.22 -6.34
CA LEU B 23 2.38 0.85 -5.39
C LEU B 23 3.24 1.97 -6.02
N LYS B 24 3.80 1.72 -7.20
CA LYS B 24 4.71 2.71 -7.75
C LYS B 24 3.99 3.99 -8.17
N GLY B 25 4.47 5.12 -7.67
CA GLY B 25 3.84 6.39 -7.97
C GLY B 25 2.97 6.82 -6.81
N LYS B 26 2.57 5.87 -6.00
CA LYS B 26 1.81 6.17 -4.81
C LYS B 26 2.74 6.42 -3.61
N PRO B 27 2.27 7.22 -2.67
CA PRO B 27 2.92 7.36 -1.34
C PRO B 27 2.95 6.02 -0.61
N VAL B 28 4.13 5.58 -0.18
CA VAL B 28 4.25 4.35 0.60
C VAL B 28 4.99 4.58 1.91
N VAL B 29 4.35 4.18 3.00
CA VAL B 29 4.92 4.30 4.34
C VAL B 29 5.13 2.93 5.04
N VAL B 30 6.38 2.58 5.33
CA VAL B 30 6.67 1.31 6.01
C VAL B 30 6.79 1.52 7.49
N CYS B 31 6.01 0.77 8.26
CA CYS B 31 5.88 1.06 9.69
C CYS B 31 6.30 -0.04 10.62
N VAL B 32 6.51 0.36 11.87
CA VAL B 32 6.66 -0.57 12.97
C VAL B 32 5.47 -0.34 13.89
N PHE B 33 4.58 -1.32 13.99
CA PHE B 33 3.48 -1.21 14.95
C PHE B 33 3.88 -1.84 16.28
N SER B 34 3.82 -1.06 17.37
CA SER B 34 4.21 -1.57 18.68
C SER B 34 3.26 -2.64 19.20
N GLY B 35 1.99 -2.55 18.82
CA GLY B 35 1.00 -3.53 19.23
C GLY B 35 0.32 -3.16 20.54
N ARG B 36 0.41 -1.89 20.92
CA ARG B 36 -0.33 -1.39 22.06
C ARG B 36 -1.80 -1.03 21.77
N PHE B 37 -2.02 0.09 21.10
CA PHE B 37 -3.38 0.49 20.72
C PHE B 37 -3.42 0.52 19.19
N GLU B 38 -4.39 1.26 18.65
CA GLU B 38 -4.56 1.35 17.20
C GLU B 38 -3.56 2.29 16.53
N ASP B 39 -2.66 1.72 15.74
CA ASP B 39 -1.68 2.47 14.97
C ASP B 39 -0.57 3.03 15.83
N SER B 40 -0.33 2.41 16.97
CA SER B 40 0.84 2.78 17.75
C SER B 40 2.12 2.28 17.06
N GLY B 41 3.11 3.15 16.99
CA GLY B 41 4.38 2.78 16.43
C GLY B 41 5.03 3.98 15.80
N ALA B 42 5.98 3.71 14.92
CA ALA B 42 6.71 4.75 14.23
C ALA B 42 6.94 4.37 12.78
N VAL B 43 7.17 5.37 11.95
CA VAL B 43 7.63 5.19 10.56
C VAL B 43 9.10 4.75 10.50
N ALA B 44 9.35 3.68 9.77
CA ALA B 44 10.74 3.26 9.60
C ALA B 44 11.31 3.90 8.35
N THR B 45 10.46 4.10 7.36
CA THR B 45 10.90 4.56 6.05
C THR B 45 9.69 4.92 5.21
N ALA B 46 9.88 5.84 4.28
CA ALA B 46 8.81 6.30 3.42
C ALA B 46 9.40 6.55 2.02
N ASN B 47 8.65 6.27 0.96
CA ASN B 47 9.19 6.56 -0.36
C ASN B 47 9.08 8.04 -0.65
N TYR B 48 9.72 8.54 -1.70
CA TYR B 48 9.71 9.98 -1.95
C TYR B 48 8.33 10.68 -2.10
N GLU B 49 7.35 9.99 -2.67
CA GLU B 49 6.03 10.57 -2.81
C GLU B 49 5.44 10.96 -1.45
N ALA B 50 5.73 10.15 -0.43
CA ALA B 50 5.28 10.38 0.94
C ALA B 50 6.15 11.42 1.64
N ARG B 51 7.41 11.52 1.25
CA ARG B 51 8.28 12.43 1.95
C ARG B 51 7.95 13.86 1.57
N LYS B 52 7.40 14.06 0.38
CA LYS B 52 6.93 15.36 -0.06
C LYS B 52 5.99 15.95 0.98
N PHE B 53 5.16 15.12 1.60
CA PHE B 53 4.18 15.62 2.55
C PHE B 53 4.63 15.56 3.99
N GLY B 54 5.92 15.36 4.19
CA GLY B 54 6.51 15.49 5.52
C GLY B 54 6.63 14.19 6.28
N VAL B 55 6.22 13.09 5.67
CA VAL B 55 6.35 11.80 6.34
C VAL B 55 7.79 11.31 6.27
N LYS B 56 8.38 11.03 7.43
CA LYS B 56 9.76 10.57 7.46
C LYS B 56 10.08 9.64 8.62
N ALA B 57 11.17 8.90 8.45
CA ALA B 57 11.59 7.89 9.43
C ALA B 57 11.67 8.50 10.83
N GLY B 58 11.10 7.81 11.81
CA GLY B 58 11.19 8.23 13.19
C GLY B 58 9.95 8.88 13.80
N ILE B 59 9.01 9.33 12.97
CA ILE B 59 7.81 9.98 13.49
C ILE B 59 6.73 8.97 13.82
N PRO B 60 5.83 9.32 14.74
CA PRO B 60 4.70 8.45 15.05
C PRO B 60 3.81 8.18 13.84
N ILE B 61 3.40 6.93 13.68
CA ILE B 61 2.47 6.58 12.64
C ILE B 61 1.25 7.47 12.74
N VAL B 62 0.78 7.72 13.95
CA VAL B 62 -0.40 8.56 14.13
C VAL B 62 -0.19 9.96 13.55
N GLU B 63 1.01 10.51 13.70
CA GLU B 63 1.31 11.81 13.12
C GLU B 63 1.38 11.79 11.60
N ALA B 64 1.99 10.73 11.05
CA ALA B 64 2.06 10.58 9.61
C ALA B 64 0.67 10.54 9.02
N LYS B 65 -0.25 9.88 9.72
CA LYS B 65 -1.63 9.82 9.27
C LYS B 65 -2.31 11.19 9.35
N LYS B 66 -1.89 12.02 10.30
CA LYS B 66 -2.43 13.36 10.38
C LYS B 66 -2.01 14.17 9.16
N ILE B 67 -0.82 13.93 8.63
CA ILE B 67 -0.39 14.70 7.48
C ILE B 67 -0.58 13.99 6.15
N LEU B 68 -0.87 12.69 6.20
CA LEU B 68 -0.96 11.89 4.97
C LEU B 68 -1.86 10.68 5.22
N PRO B 69 -3.15 10.91 5.45
CA PRO B 69 -4.04 9.77 5.67
C PRO B 69 -3.97 8.89 4.44
N ASN B 70 -3.86 9.53 3.29
CA ASN B 70 -3.98 8.81 2.04
C ASN B 70 -2.65 8.25 1.49
N ALA B 71 -2.21 7.13 2.05
CA ALA B 71 -0.98 6.49 1.62
C ALA B 71 -1.11 5.07 2.05
N VAL B 72 -0.33 4.18 1.42
CA VAL B 72 -0.35 2.81 1.88
C VAL B 72 0.52 2.68 3.14
N TYR B 73 -0.06 2.15 4.20
CA TYR B 73 0.67 1.92 5.42
C TYR B 73 0.98 0.44 5.53
N LEU B 74 2.26 0.12 5.57
CA LEU B 74 2.68 -1.28 5.53
C LEU B 74 3.45 -1.66 6.79
N PRO B 75 3.18 -2.84 7.35
CA PRO B 75 3.98 -3.36 8.45
C PRO B 75 5.39 -3.70 7.94
N MET B 76 6.42 -3.34 8.71
CA MET B 76 7.78 -3.68 8.30
C MET B 76 8.03 -5.17 8.20
N ARG B 77 8.65 -5.61 7.11
CA ARG B 77 9.04 -7.01 6.93
C ARG B 77 10.58 -7.16 6.80
N LYS B 78 11.28 -6.88 7.88
CA LYS B 78 12.74 -6.86 7.91
C LYS B 78 13.39 -8.11 7.32
N GLU B 79 12.85 -9.28 7.64
CA GLU B 79 13.34 -10.53 7.09
C GLU B 79 13.48 -10.39 5.57
N VAL B 80 12.42 -9.90 4.94
CA VAL B 80 12.37 -9.75 3.49
C VAL B 80 13.41 -8.78 2.94
N TYR B 81 13.55 -7.63 3.57
CA TYR B 81 14.50 -6.64 3.10
C TYR B 81 15.92 -7.15 3.28
N GLN B 82 16.13 -7.96 4.32
CA GLN B 82 17.47 -8.42 4.66
C GLN B 82 17.93 -9.44 3.62
N GLN B 83 16.97 -10.19 3.09
CA GLN B 83 17.28 -11.11 2.01
C GLN B 83 17.69 -10.34 0.76
N VAL B 84 16.93 -9.29 0.41
CA VAL B 84 17.20 -8.53 -0.80
C VAL B 84 18.56 -7.88 -0.63
N SER B 85 18.75 -7.28 0.52
CA SER B 85 20.01 -6.64 0.82
C SER B 85 21.20 -7.61 0.65
N SER B 86 21.09 -8.80 1.26
CA SER B 86 22.15 -9.83 1.18
C SER B 86 22.56 -10.15 -0.25
N ARG B 87 21.57 -10.36 -1.12
CA ARG B 87 21.79 -10.56 -2.55
C ARG B 87 22.51 -9.38 -3.24
N ILE B 88 22.13 -8.15 -2.90
CA ILE B 88 22.75 -6.99 -3.54
C ILE B 88 24.22 -6.80 -3.13
N MET B 89 24.50 -7.04 -1.84
CA MET B 89 25.86 -6.98 -1.31
C MET B 89 26.76 -7.99 -2.02
N ASN B 90 26.25 -9.21 -2.24
CA ASN B 90 26.95 -10.23 -3.03
C ASN B 90 27.32 -9.77 -4.43
N LEU B 91 26.43 -9.00 -5.04
CA LEU B 91 26.70 -8.39 -6.33
C LEU B 91 27.88 -7.45 -6.21
N LEU B 92 27.84 -6.55 -5.23
CA LEU B 92 28.89 -5.55 -5.09
C LEU B 92 30.25 -6.21 -4.96
N ARG B 93 30.27 -7.41 -4.37
CA ARG B 93 31.51 -8.15 -4.11
C ARG B 93 32.27 -8.48 -5.38
N GLU B 94 31.53 -8.65 -6.48
CA GLU B 94 32.14 -8.95 -7.77
C GLU B 94 32.85 -7.75 -8.37
N TYR B 95 32.74 -6.58 -7.73
CA TYR B 95 33.31 -5.34 -8.27
C TYR B 95 34.53 -4.86 -7.51
N SER B 96 34.68 -5.35 -6.28
CA SER B 96 35.82 -5.01 -5.47
C SER B 96 35.90 -5.98 -4.32
N GLU B 97 37.12 -6.31 -3.91
CA GLU B 97 37.34 -7.25 -2.81
C GLU B 97 37.31 -6.49 -1.50
N LYS B 98 37.76 -5.24 -1.55
CA LYS B 98 37.74 -4.37 -0.39
C LYS B 98 36.35 -3.72 -0.21
N ILE B 99 35.45 -4.43 0.48
CA ILE B 99 34.11 -3.93 0.71
C ILE B 99 33.77 -3.78 2.20
N GLU B 100 33.19 -2.65 2.55
CA GLU B 100 32.68 -2.43 3.89
C GLU B 100 31.16 -2.21 3.87
N ILE B 101 30.41 -3.15 4.42
CA ILE B 101 28.97 -3.04 4.44
C ILE B 101 28.60 -2.23 5.66
N ALA B 102 28.11 -1.00 5.45
CA ALA B 102 27.86 -0.07 6.55
C ALA B 102 26.49 -0.25 7.22
N SER B 103 25.55 -0.87 6.52
CA SER B 103 24.24 -1.12 7.10
C SER B 103 23.42 -1.91 6.10
N ILE B 104 22.16 -2.12 6.44
CA ILE B 104 21.32 -2.94 5.59
C ILE B 104 21.19 -2.37 4.17
N ASP B 105 21.40 -1.06 3.99
CA ASP B 105 21.23 -0.47 2.62
C ASP B 105 22.40 0.34 2.04
N GLU B 106 23.60 0.16 2.54
CA GLU B 106 24.70 0.93 2.00
C GLU B 106 26.01 0.22 2.17
N ALA B 107 26.89 0.39 1.20
CA ALA B 107 28.18 -0.29 1.22
C ALA B 107 29.26 0.64 0.68
N TYR B 108 30.44 0.59 1.29
CA TYR B 108 31.60 1.29 0.73
C TYR B 108 32.50 0.33 -0.04
N LEU B 109 32.85 0.71 -1.27
CA LEU B 109 33.83 -0.07 -2.03
C LEU B 109 35.09 0.76 -2.29
N ASP B 110 36.24 0.13 -2.15
CA ASP B 110 37.51 0.74 -2.50
C ASP B 110 37.86 0.27 -3.89
N ILE B 111 37.70 1.13 -4.88
CA ILE B 111 37.99 0.73 -6.26
C ILE B 111 39.23 1.42 -6.88
N SER B 112 40.22 1.72 -6.04
CA SER B 112 41.47 2.34 -6.50
C SER B 112 42.26 1.41 -7.43
N ASP B 113 42.19 0.11 -7.16
CA ASP B 113 42.87 -0.90 -7.97
C ASP B 113 42.09 -1.29 -9.22
N LYS B 114 40.82 -0.88 -9.31
CA LYS B 114 39.98 -1.27 -10.44
C LYS B 114 39.93 -0.21 -11.54
N VAL B 115 40.07 1.05 -11.14
CA VAL B 115 39.99 2.16 -12.07
C VAL B 115 41.20 3.07 -11.93
N ARG B 116 41.36 3.97 -12.91
CA ARG B 116 42.51 4.86 -12.94
C ARG B 116 42.16 6.30 -12.54
N ASP B 117 41.01 6.78 -13.02
CA ASP B 117 40.55 8.13 -12.68
C ASP B 117 39.08 8.11 -12.29
N TYR B 118 38.50 9.30 -12.13
CA TYR B 118 37.09 9.41 -11.76
C TYR B 118 36.14 9.13 -12.91
N ARG B 119 36.64 9.20 -14.14
CA ARG B 119 35.79 8.99 -15.31
C ARG B 119 35.49 7.52 -15.47
N GLU B 120 36.40 6.67 -15.01
CA GLU B 120 36.20 5.23 -15.08
C GLU B 120 35.55 4.71 -13.81
N ALA B 121 35.55 5.52 -12.77
CA ALA B 121 34.85 5.22 -11.53
C ALA B 121 33.37 5.43 -11.79
N TYR B 122 33.05 6.55 -12.42
CA TYR B 122 31.70 6.88 -12.83
C TYR B 122 31.13 5.74 -13.67
N ASN B 123 31.91 5.31 -14.66
CA ASN B 123 31.47 4.27 -15.58
C ASN B 123 31.26 2.92 -14.88
N LEU B 124 32.12 2.63 -13.90
CA LEU B 124 31.93 1.46 -13.02
C LEU B 124 30.67 1.65 -12.17
N GLY B 125 30.48 2.85 -11.65
CA GLY B 125 29.28 3.18 -10.92
C GLY B 125 28.03 2.91 -11.75
N LEU B 126 28.05 3.32 -13.02
CA LEU B 126 26.90 3.09 -13.89
C LEU B 126 26.68 1.60 -14.07
N GLU B 127 27.78 0.87 -14.21
CA GLU B 127 27.75 -0.57 -14.43
C GLU B 127 27.14 -1.31 -13.25
N ILE B 128 27.43 -0.84 -12.04
CA ILE B 128 26.84 -1.41 -10.84
C ILE B 128 25.35 -1.06 -10.72
N LYS B 129 25.02 0.22 -10.85
CA LYS B 129 23.62 0.64 -10.89
C LYS B 129 22.79 -0.27 -11.79
N ASN B 130 23.23 -0.44 -13.03
CA ASN B 130 22.55 -1.32 -13.97
C ASN B 130 22.50 -2.79 -13.53
N LYS B 131 23.58 -3.28 -12.93
CA LYS B 131 23.60 -4.68 -12.56
C LYS B 131 22.53 -4.97 -11.53
N ILE B 132 22.40 -4.06 -10.55
CA ILE B 132 21.45 -4.25 -9.47
C ILE B 132 20.03 -4.08 -9.98
N LEU B 133 19.86 -3.13 -10.88
CA LEU B 133 18.58 -2.92 -11.55
C LEU B 133 18.07 -4.19 -12.25
N GLU B 134 18.96 -4.86 -12.99
CA GLU B 134 18.62 -6.06 -13.72
C GLU B 134 18.36 -7.24 -12.79
N LYS B 135 19.21 -7.39 -11.77
CA LYS B 135 19.21 -8.58 -10.93
C LYS B 135 18.16 -8.52 -9.83
N GLU B 136 17.80 -7.31 -9.43
CA GLU B 136 16.94 -7.15 -8.27
C GLU B 136 15.86 -6.11 -8.46
N LYS B 137 15.87 -5.44 -9.61
CA LYS B 137 14.86 -4.46 -9.95
C LYS B 137 14.82 -3.34 -8.92
N ILE B 138 15.97 -3.05 -8.35
CA ILE B 138 16.09 -2.04 -7.29
C ILE B 138 16.98 -0.89 -7.75
N THR B 139 16.59 0.34 -7.45
CA THR B 139 17.44 1.47 -7.80
C THR B 139 18.31 1.94 -6.65
N VAL B 140 19.51 2.40 -6.97
CA VAL B 140 20.42 2.90 -5.96
C VAL B 140 21.07 4.20 -6.43
N THR B 141 21.59 4.96 -5.48
CA THR B 141 22.38 6.15 -5.75
C THR B 141 23.82 5.82 -5.48
N VAL B 142 24.69 6.17 -6.41
CA VAL B 142 26.11 5.96 -6.23
C VAL B 142 26.81 7.30 -5.99
N GLY B 143 27.77 7.30 -5.08
CA GLY B 143 28.60 8.45 -4.82
C GLY B 143 30.04 8.01 -4.91
N ILE B 144 30.90 8.88 -5.45
CA ILE B 144 32.32 8.57 -5.66
C ILE B 144 33.21 9.72 -5.21
N SER B 145 34.29 9.39 -4.50
CA SER B 145 35.20 10.40 -3.96
C SER B 145 36.47 9.85 -3.31
N LYS B 146 37.20 10.72 -2.63
CA LYS B 146 38.53 10.43 -2.13
C LYS B 146 38.49 9.59 -0.86
N ASN B 147 37.49 9.83 -0.02
CA ASN B 147 37.34 9.08 1.22
C ASN B 147 35.89 8.66 1.41
N LYS B 148 35.65 7.84 2.43
CA LYS B 148 34.32 7.35 2.74
C LYS B 148 33.36 8.50 2.97
N VAL B 149 33.77 9.46 3.79
CA VAL B 149 32.83 10.48 4.21
C VAL B 149 32.28 11.26 3.04
N PHE B 150 33.17 11.67 2.14
CA PHE B 150 32.77 12.51 1.00
C PHE B 150 32.10 11.72 -0.12
N ALA B 151 32.26 10.40 -0.12
CA ALA B 151 31.56 9.52 -1.07
C ALA B 151 30.10 9.43 -0.67
N LYS B 152 29.87 9.47 0.64
CA LYS B 152 28.52 9.39 1.16
C LYS B 152 27.78 10.70 0.97
N ILE B 153 28.45 11.81 1.26
CA ILE B 153 27.90 13.15 1.00
C ILE B 153 27.49 13.31 -0.46
N ALA B 154 28.34 12.81 -1.36
CA ALA B 154 28.07 12.83 -2.79
C ALA B 154 26.80 12.08 -3.14
N ALA B 155 26.63 10.90 -2.55
CA ALA B 155 25.42 10.14 -2.79
C ALA B 155 24.20 10.89 -2.26
N ASP B 156 24.34 11.50 -1.08
CA ASP B 156 23.23 12.19 -0.46
C ASP B 156 22.74 13.31 -1.35
N MET B 157 23.67 13.92 -2.07
CA MET B 157 23.39 15.05 -2.93
C MET B 157 22.77 14.59 -4.24
N ALA B 158 22.99 13.34 -4.59
CA ALA B 158 22.49 12.84 -5.86
C ALA B 158 21.23 11.98 -5.72
N LYS B 159 20.79 11.68 -4.51
CA LYS B 159 19.69 10.74 -4.37
C LYS B 159 18.40 11.40 -4.83
N PRO B 160 17.44 10.61 -5.36
CA PRO B 160 17.53 9.16 -5.56
C PRO B 160 17.82 8.81 -7.01
N ASN B 161 18.02 7.52 -7.26
CA ASN B 161 18.35 7.00 -8.57
C ASN B 161 19.44 7.79 -9.32
N GLY B 162 20.45 8.23 -8.59
CA GLY B 162 21.47 9.09 -9.16
C GLY B 162 22.88 8.59 -8.97
N ILE B 163 23.83 9.26 -9.63
CA ILE B 163 25.25 8.96 -9.45
C ILE B 163 26.02 10.26 -9.48
N LYS B 164 26.95 10.45 -8.56
CA LYS B 164 27.67 11.69 -8.52
C LYS B 164 29.12 11.55 -8.08
N VAL B 165 30.03 12.15 -8.85
CA VAL B 165 31.42 12.18 -8.47
C VAL B 165 31.76 13.54 -7.87
N ILE B 166 32.41 13.51 -6.72
CA ILE B 166 32.92 14.72 -6.10
C ILE B 166 34.44 14.75 -6.23
N ASP B 167 34.96 15.47 -7.22
CA ASP B 167 36.39 15.54 -7.39
C ASP B 167 36.97 16.52 -6.36
N ASP B 168 38.30 16.66 -6.36
CA ASP B 168 39.00 17.41 -5.33
C ASP B 168 38.61 18.88 -5.23
N GLU B 169 38.51 19.55 -6.38
CA GLU B 169 38.13 20.95 -6.38
C GLU B 169 36.78 21.10 -5.69
N GLU B 170 35.95 20.07 -5.79
CA GLU B 170 34.64 20.11 -5.16
C GLU B 170 34.69 19.77 -3.67
N VAL B 171 35.67 18.96 -3.27
CA VAL B 171 35.88 18.68 -1.86
C VAL B 171 36.32 19.94 -1.14
N LYS B 172 37.16 20.73 -1.81
CA LYS B 172 37.67 21.98 -1.24
C LYS B 172 36.55 23.02 -1.11
N ARG B 173 35.54 22.89 -1.96
CA ARG B 173 34.37 23.77 -1.92
C ARG B 173 33.41 23.39 -0.78
N LEU B 174 33.38 22.11 -0.43
CA LEU B 174 32.43 21.65 0.58
C LEU B 174 32.81 22.00 2.01
N ILE B 175 34.06 21.78 2.40
CA ILE B 175 34.48 22.13 3.75
C ILE B 175 33.93 23.51 4.14
N ARG B 176 34.03 24.45 3.21
CA ARG B 176 33.48 25.79 3.38
C ARG B 176 31.96 25.82 3.24
N GLU B 177 31.49 25.74 2.00
CA GLU B 177 30.08 25.91 1.69
C GLU B 177 29.14 24.88 2.31
N LEU B 178 29.45 23.60 2.11
CA LEU B 178 28.61 22.52 2.61
C LEU B 178 27.99 22.91 3.94
N ASP B 179 26.67 23.01 3.95
CA ASP B 179 25.94 23.23 5.18
C ASP B 179 26.26 21.97 5.96
N ILE B 180 27.18 22.11 6.90
CA ILE B 180 27.67 20.96 7.65
C ILE B 180 26.89 20.91 8.93
N ALA B 181 27.45 20.21 9.93
CA ALA B 181 26.73 19.84 11.12
C ALA B 181 25.72 18.77 10.70
N ASP B 182 25.54 18.62 9.40
CA ASP B 182 24.69 17.58 8.85
C ASP B 182 25.59 16.74 7.94
N VAL B 183 26.63 16.20 8.56
CA VAL B 183 27.52 15.23 7.96
C VAL B 183 27.19 13.85 8.54
N PRO B 184 27.54 12.78 7.79
CA PRO B 184 27.28 11.36 8.00
C PRO B 184 27.20 10.86 9.45
N GLY B 185 28.12 11.24 10.32
CA GLY B 185 27.99 10.78 11.69
C GLY B 185 26.89 11.49 12.47
N ILE B 186 26.55 12.71 12.06
CA ILE B 186 25.82 13.65 12.91
C ILE B 186 24.28 13.59 12.82
N GLY B 187 23.65 13.27 13.95
CA GLY B 187 22.20 13.27 14.07
C GLY B 187 21.63 14.52 14.72
N ASN B 188 20.31 14.64 14.73
CA ASN B 188 19.63 15.83 15.27
C ASN B 188 20.21 16.28 16.61
N ILE B 189 20.18 15.37 17.59
CA ILE B 189 20.74 15.61 18.91
C ILE B 189 22.12 16.27 18.89
N THR B 190 23.02 15.79 18.03
CA THR B 190 24.39 16.34 17.92
C THR B 190 24.51 17.46 16.89
N ALA B 191 23.43 18.21 16.70
CA ALA B 191 23.45 19.38 15.85
C ALA B 191 22.47 20.40 16.44
N GLU B 192 21.64 19.93 17.36
CA GLU B 192 20.76 20.78 18.14
C GLU B 192 21.54 21.26 19.35
N LYS B 193 22.63 20.57 19.62
CA LYS B 193 23.55 20.97 20.67
C LYS B 193 24.45 22.03 20.05
N LEU B 194 24.88 21.77 18.82
CA LEU B 194 25.75 22.70 18.10
C LEU B 194 24.98 23.89 17.54
N LYS B 195 23.66 23.74 17.43
CA LYS B 195 22.82 24.86 17.03
C LYS B 195 22.70 25.84 18.19
N LYS B 196 22.82 25.31 19.41
CA LYS B 196 22.78 26.13 20.61
C LYS B 196 24.02 27.00 20.68
N LEU B 197 25.12 26.49 20.12
CA LEU B 197 26.39 27.21 20.12
C LEU B 197 26.45 28.23 18.97
N GLY B 198 25.97 27.83 17.80
CA GLY B 198 25.95 28.70 16.64
C GLY B 198 26.77 28.14 15.49
N ILE B 199 27.31 26.94 15.69
CA ILE B 199 28.16 26.29 14.70
C ILE B 199 27.37 25.83 13.47
N ASN B 200 27.41 26.64 12.42
CA ASN B 200 26.70 26.37 11.18
C ASN B 200 27.37 25.27 10.35
N LYS B 201 28.67 25.43 10.07
CA LYS B 201 29.37 24.60 9.09
C LYS B 201 30.57 23.85 9.67
N LEU B 202 31.18 23.01 8.82
CA LEU B 202 32.41 22.29 9.16
C LEU B 202 33.52 23.24 9.58
N VAL B 203 33.64 24.35 8.85
CA VAL B 203 34.65 25.36 9.15
C VAL B 203 34.50 25.87 10.57
N ASP B 204 33.27 26.19 10.94
CA ASP B 204 32.93 26.70 12.26
C ASP B 204 33.51 25.84 13.37
N THR B 205 33.71 24.56 13.07
CA THR B 205 34.26 23.62 14.06
C THR B 205 35.71 23.97 14.39
N LEU B 206 36.36 24.70 13.49
CA LEU B 206 37.72 25.14 13.71
C LEU B 206 37.76 26.49 14.44
N SER B 207 36.57 27.04 14.69
CA SER B 207 36.45 28.31 15.43
C SER B 207 36.35 28.01 16.91
N ILE B 208 35.29 27.29 17.27
CA ILE B 208 35.00 26.89 18.64
C ILE B 208 36.18 26.11 19.28
N GLU B 209 36.22 26.09 20.61
CA GLU B 209 37.28 25.39 21.33
C GLU B 209 37.31 23.90 21.05
N PHE B 210 38.44 23.27 21.38
CA PHE B 210 38.57 21.82 21.27
C PHE B 210 38.30 21.21 22.64
N ASP B 211 37.52 21.90 23.45
CA ASP B 211 37.19 21.39 24.78
C ASP B 211 35.78 21.78 25.23
N LYS B 212 35.18 22.76 24.55
CA LYS B 212 33.76 23.03 24.74
C LYS B 212 32.97 22.39 23.62
N LEU B 213 33.68 22.03 22.55
CA LEU B 213 33.13 21.19 21.50
C LEU B 213 33.14 19.76 22.00
N LYS B 214 34.33 19.28 22.34
CA LYS B 214 34.52 18.00 23.00
C LYS B 214 33.62 17.89 24.24
N GLY B 215 33.50 19.01 24.97
CA GLY B 215 32.74 19.05 26.19
C GLY B 215 31.23 19.06 25.95
N MET B 216 30.84 19.05 24.69
CA MET B 216 29.43 19.09 24.35
C MET B 216 29.08 18.05 23.27
N ILE B 217 30.09 17.37 22.74
CA ILE B 217 29.88 16.31 21.75
C ILE B 217 30.77 15.09 21.96
N GLY B 218 31.62 15.12 22.99
CA GLY B 218 32.55 14.04 23.24
C GLY B 218 33.76 14.14 22.34
N GLU B 219 34.93 13.77 22.86
CA GLU B 219 36.17 13.92 22.11
C GLU B 219 36.19 13.05 20.85
N ALA B 220 35.17 12.21 20.68
CA ALA B 220 35.06 11.34 19.51
C ALA B 220 34.38 12.04 18.34
N LYS B 221 33.18 12.55 18.60
CA LYS B 221 32.45 13.34 17.62
C LYS B 221 33.28 14.54 17.15
N ALA B 222 34.05 15.11 18.07
CA ALA B 222 34.86 16.31 17.82
C ALA B 222 35.94 16.08 16.78
N LYS B 223 36.88 15.20 17.12
CA LYS B 223 37.99 14.84 16.24
C LYS B 223 37.53 14.58 14.81
N TYR B 224 36.49 13.77 14.69
CA TYR B 224 35.91 13.43 13.39
C TYR B 224 35.55 14.67 12.58
N LEU B 225 34.81 15.59 13.18
CA LEU B 225 34.34 16.79 12.51
C LEU B 225 35.51 17.75 12.28
N ILE B 226 36.43 17.80 13.24
CA ILE B 226 37.59 18.68 13.12
C ILE B 226 38.52 18.18 12.03
N SER B 227 38.65 16.85 11.93
CA SER B 227 39.51 16.25 10.93
C SER B 227 38.96 16.47 9.51
N LEU B 228 37.64 16.49 9.40
CA LEU B 228 36.98 16.68 8.11
C LEU B 228 37.13 18.10 7.53
N ALA B 229 36.98 19.11 8.39
CA ALA B 229 37.21 20.51 8.00
C ALA B 229 38.65 20.70 7.51
N ARG B 230 39.59 20.13 8.28
CA ARG B 230 40.98 20.10 7.85
C ARG B 230 41.13 19.38 6.53
N ASP B 231 40.18 18.53 6.19
CA ASP B 231 40.27 17.71 5.00
C ASP B 231 41.56 16.92 5.04
N GLU B 232 42.15 16.81 6.22
CA GLU B 232 43.46 16.18 6.38
C GLU B 232 43.39 14.69 6.07
N TYR B 233 42.43 13.99 6.65
CA TYR B 233 42.37 12.54 6.47
C TYR B 233 41.01 11.91 6.70
N ASN B 234 40.98 10.59 6.54
CA ASN B 234 39.84 9.77 6.94
C ASN B 234 40.18 8.26 6.93
N GLU B 235 39.22 7.45 7.42
CA GLU B 235 39.41 6.02 7.67
C GLU B 235 39.41 5.19 6.39
N PRO B 236 40.02 3.99 6.45
CA PRO B 236 40.05 3.03 5.34
C PRO B 236 38.82 2.13 5.38
N ILE B 237 38.35 1.70 4.22
CA ILE B 237 37.20 0.80 4.20
C ILE B 237 37.65 -0.54 4.78
N ARG B 238 36.92 -1.01 5.77
CA ARG B 238 37.27 -2.22 6.47
C ARG B 238 36.00 -2.99 6.75
N THR B 239 36.08 -4.31 6.72
CA THR B 239 34.92 -5.13 7.01
C THR B 239 34.41 -4.82 8.41
N ARG B 240 33.18 -4.33 8.51
CA ARG B 240 32.61 -4.09 9.83
C ARG B 240 32.21 -5.44 10.40
N VAL B 241 32.36 -5.59 11.70
CA VAL B 241 31.97 -6.84 12.36
C VAL B 241 30.95 -6.54 13.45
N ARG B 242 29.75 -7.10 13.33
CA ARG B 242 28.71 -6.97 14.34
C ARG B 242 29.22 -7.24 15.76
N LYS B 243 28.99 -6.28 16.65
CA LYS B 243 29.43 -6.41 18.04
C LYS B 243 28.32 -6.93 18.95
N SER B 244 27.06 -6.65 18.62
CA SER B 244 25.94 -7.15 19.43
C SER B 244 24.68 -7.51 18.63
N ILE B 245 23.85 -8.38 19.19
CA ILE B 245 22.62 -8.80 18.56
C ILE B 245 21.58 -8.92 19.64
N GLY B 246 20.36 -8.46 19.39
CA GLY B 246 19.32 -8.50 20.39
C GLY B 246 17.94 -8.28 19.84
N ARG B 247 16.96 -8.29 20.73
CA ARG B 247 15.56 -8.27 20.35
C ARG B 247 14.77 -7.71 21.52
N ILE B 248 13.95 -6.69 21.28
CA ILE B 248 13.06 -6.16 22.30
C ILE B 248 11.65 -6.22 21.78
N VAL B 249 10.74 -6.77 22.57
CA VAL B 249 9.35 -6.82 22.18
C VAL B 249 8.51 -5.99 23.16
N THR B 250 7.39 -5.47 22.68
CA THR B 250 6.46 -4.71 23.50
C THR B 250 5.40 -5.65 24.11
N MET B 251 5.04 -5.42 25.37
CA MET B 251 4.05 -6.28 26.03
C MET B 251 2.63 -5.77 25.83
N LYS B 252 1.68 -6.70 25.66
CA LYS B 252 0.29 -6.34 25.41
C LYS B 252 -0.24 -5.37 26.48
N ARG B 253 -0.06 -5.73 27.73
CA ARG B 253 -0.34 -4.84 28.84
C ARG B 253 0.92 -4.68 29.68
N ASN B 254 1.19 -3.45 30.11
CA ASN B 254 2.31 -3.19 31.02
C ASN B 254 2.18 -4.02 32.27
N SER B 255 3.30 -4.23 32.95
CA SER B 255 3.33 -5.11 34.10
C SER B 255 4.65 -5.01 34.84
N ARG B 256 4.68 -5.59 36.04
CA ARG B 256 5.94 -5.88 36.72
C ARG B 256 5.81 -7.22 37.41
N ASN B 257 4.89 -8.02 36.90
CA ASN B 257 4.74 -9.40 37.34
C ASN B 257 5.71 -10.31 36.60
N LEU B 258 6.67 -10.85 37.34
CA LEU B 258 7.70 -11.68 36.75
C LEU B 258 7.17 -12.76 35.81
N GLU B 259 6.17 -13.52 36.27
CA GLU B 259 5.65 -14.65 35.50
C GLU B 259 4.82 -14.20 34.31
N GLU B 260 4.43 -12.93 34.35
CA GLU B 260 3.73 -12.31 33.23
C GLU B 260 4.75 -11.89 32.17
N ILE B 261 5.86 -11.34 32.63
CA ILE B 261 6.91 -10.82 31.75
C ILE B 261 7.81 -11.90 31.17
N LYS B 262 7.91 -13.04 31.87
CA LYS B 262 8.79 -14.14 31.46
C LYS B 262 8.65 -14.57 29.99
N PRO B 263 7.42 -14.89 29.55
CA PRO B 263 7.23 -15.38 28.17
C PRO B 263 7.69 -14.40 27.10
N TYR B 264 7.62 -13.09 27.35
CA TYR B 264 8.15 -12.11 26.42
C TYR B 264 9.68 -12.18 26.41
N LEU B 265 10.26 -12.13 27.60
CA LEU B 265 11.69 -12.25 27.75
C LEU B 265 12.21 -13.47 27.00
N PHE B 266 11.46 -14.56 27.08
CA PHE B 266 11.92 -15.85 26.56
C PHE B 266 11.88 -15.85 25.02
N ARG B 267 10.89 -15.16 24.48
CA ARG B 267 10.71 -15.04 23.06
C ARG B 267 11.85 -14.21 22.52
N ALA B 268 12.20 -13.15 23.26
CA ALA B 268 13.31 -12.30 22.88
C ALA B 268 14.59 -13.12 22.74
N ILE B 269 14.83 -14.01 23.70
CA ILE B 269 16.02 -14.84 23.68
C ILE B 269 15.99 -15.81 22.51
N GLU B 270 14.85 -16.48 22.32
CA GLU B 270 14.68 -17.42 21.22
C GLU B 270 15.03 -16.81 19.88
N GLU B 271 14.49 -15.61 19.62
CA GLU B 271 14.73 -14.90 18.39
C GLU B 271 16.17 -14.37 18.30
N SER B 272 16.66 -13.78 19.37
CA SER B 272 18.08 -13.40 19.44
C SER B 272 19.02 -14.55 19.07
N TYR B 273 18.80 -15.73 19.65
CA TYR B 273 19.66 -16.86 19.34
C TYR B 273 19.53 -17.30 17.89
N TYR B 274 18.33 -17.15 17.33
CA TYR B 274 18.19 -17.40 15.91
C TYR B 274 19.13 -16.46 15.12
N LYS B 275 19.11 -15.16 15.46
CA LYS B 275 19.95 -14.16 14.79
C LYS B 275 21.45 -14.42 15.00
N LEU B 276 21.82 -14.89 16.19
CA LEU B 276 23.22 -15.19 16.50
C LEU B 276 23.83 -16.15 15.49
N ASP B 277 23.06 -17.18 15.15
CA ASP B 277 23.51 -18.24 14.25
C ASP B 277 24.70 -18.94 14.92
N LYS B 278 25.88 -18.85 14.31
CA LYS B 278 27.04 -19.54 14.84
C LYS B 278 27.85 -18.81 15.89
N ARG B 279 27.65 -17.51 15.98
CA ARG B 279 28.35 -16.71 16.96
C ARG B 279 27.93 -17.09 18.37
N ILE B 280 28.90 -17.12 19.29
CA ILE B 280 28.66 -17.43 20.68
C ILE B 280 29.01 -16.20 21.49
N PRO B 281 28.04 -15.66 22.25
CA PRO B 281 28.28 -14.45 23.05
C PRO B 281 28.78 -14.76 24.46
N LYS B 282 29.50 -13.81 25.08
CA LYS B 282 29.94 -13.99 26.46
C LYS B 282 29.28 -12.99 27.41
N ALA B 283 28.50 -12.05 26.85
CA ALA B 283 27.78 -11.07 27.67
C ALA B 283 26.31 -11.05 27.27
N ILE B 284 25.46 -10.84 28.25
CA ILE B 284 24.03 -10.73 28.03
C ILE B 284 23.48 -9.52 28.77
N HIS B 285 22.64 -8.73 28.12
CA HIS B 285 21.98 -7.64 28.82
C HIS B 285 20.48 -7.77 28.66
N VAL B 286 19.78 -7.65 29.78
CA VAL B 286 18.32 -7.58 29.78
C VAL B 286 18.01 -6.12 29.82
N VAL B 287 17.10 -5.71 28.96
CA VAL B 287 16.80 -4.29 28.77
C VAL B 287 15.31 -4.07 28.90
N ALA B 288 14.94 -3.19 29.82
CA ALA B 288 13.55 -2.87 30.07
C ALA B 288 13.20 -1.41 29.72
N VAL B 289 12.18 -1.24 28.89
CA VAL B 289 11.56 0.06 28.71
C VAL B 289 10.37 0.25 29.67
N THR B 290 10.56 1.13 30.65
CA THR B 290 9.56 1.38 31.68
C THR B 290 8.31 1.99 31.07
N GLU B 291 7.36 2.37 31.93
CA GLU B 291 6.08 2.91 31.47
C GLU B 291 6.14 4.32 30.86
N ASP B 292 7.01 5.17 31.38
CA ASP B 292 7.24 6.48 30.75
C ASP B 292 8.36 6.42 29.72
N LEU B 293 8.54 5.23 29.13
CA LEU B 293 9.45 5.04 28.02
C LEU B 293 10.91 5.34 28.38
N ASP B 294 11.23 5.20 29.65
CA ASP B 294 12.62 5.28 30.11
C ASP B 294 13.33 3.92 29.93
N ILE B 295 14.65 3.96 29.71
CA ILE B 295 15.42 2.74 29.50
C ILE B 295 16.19 2.33 30.75
N VAL B 296 16.00 1.08 31.17
CA VAL B 296 16.76 0.49 32.27
C VAL B 296 17.48 -0.79 31.84
N SER B 297 18.67 -1.01 32.36
CA SER B 297 19.51 -2.10 31.88
C SER B 297 20.29 -2.80 32.98
N ARG B 298 20.43 -4.12 32.85
CA ARG B 298 21.28 -4.93 33.73
C ARG B 298 21.94 -6.06 32.96
N GLY B 299 23.26 -6.19 33.07
CA GLY B 299 23.96 -7.22 32.32
C GLY B 299 25.03 -7.98 33.08
N ARG B 300 25.61 -8.97 32.41
CA ARG B 300 26.65 -9.79 33.01
C ARG B 300 27.56 -10.40 31.95
N THR B 301 28.84 -10.53 32.30
CA THR B 301 29.86 -11.02 31.39
C THR B 301 30.47 -12.28 31.98
N PHE B 302 30.51 -13.33 31.18
CA PHE B 302 31.13 -14.58 31.60
C PHE B 302 32.50 -14.72 30.95
N PRO B 303 33.39 -15.49 31.58
CA PRO B 303 34.69 -15.75 30.96
C PRO B 303 34.56 -16.83 29.92
N HIS B 304 33.32 -17.21 29.60
CA HIS B 304 33.01 -18.26 28.65
C HIS B 304 31.71 -17.99 27.89
N GLY B 305 31.46 -18.77 26.84
CA GLY B 305 30.25 -18.64 26.06
C GLY B 305 28.96 -18.90 26.82
N ILE B 306 27.88 -18.27 26.36
CA ILE B 306 26.58 -18.43 26.98
C ILE B 306 25.68 -19.36 26.15
N SER B 307 25.30 -20.49 26.74
CA SER B 307 24.39 -21.41 26.06
C SER B 307 22.99 -20.82 26.10
N LYS B 308 22.13 -21.28 25.20
CA LYS B 308 20.77 -20.79 25.12
C LYS B 308 20.08 -20.98 26.48
N GLU B 309 20.29 -22.14 27.08
CA GLU B 309 19.67 -22.47 28.35
C GLU B 309 20.20 -21.59 29.48
N THR B 310 21.51 -21.42 29.53
CA THR B 310 22.10 -20.49 30.47
C THR B 310 21.54 -19.07 30.28
N ALA B 311 21.23 -18.72 29.03
CA ALA B 311 20.72 -17.39 28.72
C ALA B 311 19.34 -17.20 29.31
N TYR B 312 18.54 -18.27 29.28
CA TYR B 312 17.26 -18.25 29.95
C TYR B 312 17.42 -17.89 31.41
N SER B 313 18.09 -18.77 32.16
CA SER B 313 18.16 -18.61 33.61
C SER B 313 18.83 -17.32 34.04
N GLU B 314 19.90 -16.97 33.36
CA GLU B 314 20.59 -15.73 33.63
C GLU B 314 19.72 -14.50 33.32
N SER B 315 18.89 -14.58 32.27
CA SER B 315 18.05 -13.43 31.94
C SER B 315 16.99 -13.18 33.03
N VAL B 316 16.56 -14.23 33.71
CA VAL B 316 15.58 -14.05 34.79
C VAL B 316 16.18 -13.32 35.98
N LYS B 317 17.43 -13.65 36.31
CA LYS B 317 18.14 -12.98 37.40
C LYS B 317 18.28 -11.49 37.10
N LEU B 318 18.73 -11.17 35.90
CA LEU B 318 18.84 -9.77 35.50
C LEU B 318 17.50 -9.03 35.51
N LEU B 319 16.43 -9.71 35.10
CA LEU B 319 15.10 -9.15 35.18
C LEU B 319 14.74 -8.89 36.64
N GLN B 320 15.04 -9.85 37.49
CA GLN B 320 14.72 -9.70 38.89
C GLN B 320 15.44 -8.49 39.49
N LYS B 321 16.66 -8.26 39.06
CA LYS B 321 17.44 -7.13 39.57
C LYS B 321 16.76 -5.84 39.17
N ILE B 322 16.28 -5.79 37.93
CA ILE B 322 15.58 -4.62 37.43
C ILE B 322 14.29 -4.36 38.22
N LEU B 323 13.50 -5.40 38.43
CA LEU B 323 12.26 -5.29 39.21
C LEU B 323 12.52 -4.78 40.63
N GLU B 324 13.64 -5.20 41.20
CA GLU B 324 13.96 -4.85 42.57
C GLU B 324 14.84 -3.61 42.74
N GLU B 325 15.10 -2.90 41.65
CA GLU B 325 15.84 -1.63 41.73
C GLU B 325 15.08 -0.56 40.98
N ASP B 326 13.95 -0.95 40.40
CA ASP B 326 13.05 -0.03 39.73
C ASP B 326 11.63 -0.29 40.20
N GLU B 327 10.93 0.77 40.57
CA GLU B 327 9.58 0.64 41.11
C GLU B 327 8.53 0.72 40.01
N ARG B 328 8.90 1.35 38.89
CA ARG B 328 7.99 1.55 37.77
C ARG B 328 7.59 0.24 37.10
N LYS B 329 6.67 0.33 36.16
CA LYS B 329 6.24 -0.86 35.42
C LYS B 329 7.04 -0.99 34.15
N ILE B 330 6.97 -2.16 33.54
CA ILE B 330 7.73 -2.37 32.34
C ILE B 330 6.77 -2.38 31.14
N ARG B 331 7.17 -1.69 30.09
CA ARG B 331 6.38 -1.62 28.87
C ARG B 331 7.00 -2.52 27.81
N ARG B 332 8.30 -2.37 27.62
CA ARG B 332 9.00 -3.22 26.67
C ARG B 332 10.10 -4.02 27.36
N ILE B 333 10.13 -5.33 27.13
CA ILE B 333 11.21 -6.15 27.65
C ILE B 333 12.06 -6.74 26.53
N GLY B 334 13.37 -6.74 26.70
CA GLY B 334 14.20 -7.38 25.69
C GLY B 334 15.54 -7.87 26.19
N VAL B 335 16.41 -8.19 25.25
CA VAL B 335 17.70 -8.80 25.58
C VAL B 335 18.77 -8.56 24.51
N ARG B 336 20.01 -8.57 24.92
CA ARG B 336 21.08 -8.14 24.04
C ARG B 336 22.34 -8.95 24.28
N PHE B 337 22.85 -9.57 23.22
CA PHE B 337 24.04 -10.41 23.32
C PHE B 337 25.21 -9.72 22.64
N SER B 338 26.37 -9.79 23.28
CA SER B 338 27.57 -9.15 22.76
C SER B 338 28.81 -9.90 23.22
N LYS B 339 29.96 -9.39 22.83
CA LYS B 339 31.25 -9.97 23.20
C LYS B 339 31.33 -11.40 22.70
N PHE B 340 31.35 -11.52 21.39
CA PHE B 340 31.33 -12.80 20.72
C PHE B 340 32.70 -13.44 20.73
N ILE B 341 32.69 -14.77 20.90
CA ILE B 341 33.86 -15.59 20.73
C ILE B 341 34.32 -15.46 19.28
P DG8 D 1 -20.70 3.43 -21.94
O1P DG8 D 1 -19.64 4.08 -21.14
O2P DG8 D 1 -20.75 1.97 -22.06
O5' DG8 D 1 -22.12 3.95 -21.44
C5' DG8 D 1 -22.29 4.46 -20.12
C4' DG8 D 1 -22.67 5.93 -20.13
C3' DG8 D 1 -21.76 6.86 -19.33
C2' DG8 D 1 -22.70 7.84 -18.63
C1' DG8 D 1 -24.04 7.48 -19.24
O4' DG8 D 1 -23.95 6.10 -19.49
N9 DG8 D 1 -25.26 7.69 -18.47
C8 DG8 D 1 -25.94 8.87 -18.26
N7 DG8 D 1 -27.01 8.71 -17.54
C5 DG8 D 1 -27.05 7.35 -17.27
C6 DG8 D 1 -27.99 6.60 -16.52
O6 DG8 D 1 -29.00 7.00 -15.95
N1 DG8 D 1 -27.66 5.24 -16.48
C2 DG8 D 1 -26.56 4.71 -17.10
N2 DG8 D 1 -26.38 3.38 -16.96
N3 DG8 D 1 -25.67 5.40 -17.79
C4 DG8 D 1 -25.98 6.72 -17.84
N24 DG8 D 1 -25.43 9.99 -18.86
C25 DG8 D 1 -25.83 11.21 -18.42
C30 DG8 D 1 -24.80 12.28 -18.21
C35 DG8 D 1 -25.29 13.59 -17.73
C34 DG8 D 1 -24.32 14.66 -17.51
C38 DG8 D 1 -24.79 15.97 -17.04
C37 DG8 D 1 -26.17 16.15 -16.83
C36 DG8 D 1 -27.11 15.12 -17.05
C28 DG8 D 1 -26.73 13.85 -17.50
C27 DG8 D 1 -27.62 12.79 -17.73
C26 DG8 D 1 -27.18 11.54 -18.17
C39 DG8 D 1 -23.83 16.95 -16.84
C40 DG8 D 1 -22.48 16.66 -17.09
C41 DG8 D 1 -22.00 15.42 -17.53
C33 DG8 D 1 -22.89 14.40 -17.75
C32 DG8 D 1 -22.51 13.14 -18.20
C31 DG8 D 1 -23.44 12.10 -18.42
O3' DG8 D 1 -20.91 7.44 -20.29
P DG8 F 1 5.43 8.57 22.79
O1P DG8 F 1 5.90 7.53 23.72
O2P DG8 F 1 4.14 9.25 23.04
O5' DG8 F 1 5.33 7.90 21.34
C5' DG8 F 1 6.49 7.69 20.56
C4' DG8 F 1 6.82 6.21 20.40
C3' DG8 F 1 6.26 5.33 21.49
C2' DG8 F 1 7.10 5.88 22.64
C1' DG8 F 1 8.44 6.19 21.99
O4' DG8 F 1 8.24 6.04 20.60
N9 DG8 F 1 9.04 7.51 22.24
C8 DG8 F 1 9.97 8.13 21.46
N7 DG8 F 1 10.38 9.29 21.89
C5 DG8 F 1 9.65 9.48 23.06
C6 DG8 F 1 9.68 10.56 23.97
O6 DG8 F 1 10.34 11.61 23.92
N1 DG8 F 1 8.81 10.36 25.03
C2 DG8 F 1 8.03 9.25 25.19
N2 DG8 F 1 7.25 9.25 26.29
N3 DG8 F 1 8.00 8.21 24.35
C4 DG8 F 1 8.84 8.38 23.31
N24 DG8 F 1 10.33 7.49 20.31
C25 DG8 F 1 11.25 8.01 19.45
C30 DG8 F 1 12.55 8.52 19.97
C35 DG8 F 1 13.49 9.04 18.95
C34 DG8 F 1 14.77 9.57 19.39
C38 DG8 F 1 15.71 10.09 18.39
C37 DG8 F 1 15.32 10.08 17.04
C36 DG8 F 1 14.08 9.57 16.61
C28 DG8 F 1 13.13 9.06 17.52
C27 DG8 F 1 11.90 8.56 17.13
C26 DG8 F 1 10.99 8.05 18.07
C39 DG8 F 1 16.93 10.58 18.85
C40 DG8 F 1 17.24 10.55 20.22
C41 DG8 F 1 16.37 10.05 21.20
C33 DG8 F 1 15.12 9.55 20.83
C32 DG8 F 1 14.19 9.04 21.75
C31 DG8 F 1 12.94 8.53 21.32
O3' DG8 F 1 6.49 3.94 21.21
CA CA G . -22.32 -3.72 -3.56
CA CA H . -21.66 -0.84 -1.31
CA CA I . 21.24 4.88 3.77
CA CA J . 19.05 4.79 1.95
#